data_6MSC
#
_entry.id   6MSC
#
_cell.length_a   50.530
_cell.length_b   81.810
_cell.length_c   159.400
_cell.angle_alpha   90.00
_cell.angle_beta   90.00
_cell.angle_gamma   90.00
#
_symmetry.space_group_name_H-M   'P 21 21 21'
#
loop_
_entity.id
_entity.type
_entity.pdbx_description
1 polymer "cAMP and cAMP-inhibited cGMP 3',5'-cyclic phosphodiesterase 10A"
2 non-polymer 'ZINC ION'
3 non-polymer 'MAGNESIUM ION'
4 non-polymer 8-fluoro-6-methoxy-3-methyl-1-(3-methylpyridin-4-yl)-3H-pyrazolo[3,4-c]cinnoline
5 water water
#
_entity_poly.entity_id   1
_entity_poly.type   'polypeptide(L)'
_entity_poly.pdbx_seq_one_letter_code
;GSHMSICTSEEWQGLMQFTLPVRLCKEIELFHFDIGPFENMWPGIFVYMVHRSCGTSCFELEKLCRFIMSVKKNYRRVPY
HNWKHAVTVAHCMYAILQNNHTLFTDLERKGLLIACLCHDLDHRGFSNSYLQKFDHPLAALYSTSTMEQHHFSQTVSILQ
LEGHNIFSTLSSSEYEQVLEIIRKAIIATDLALYFGNRKQLEEMYQTGSLNLNNQSHRDRVIGLMMTACDLCSVTKLWPV
TKLTANDIYAEFWAEGDEMKKLGIQPIPMMDRDKKDEVPQGQLGFYNAVAIPCYTTLTQILPPTEPLLKACRDNLSQWEK
VIRGEETATWIS
;
_entity_poly.pdbx_strand_id   A,B
#
loop_
_chem_comp.id
_chem_comp.type
_chem_comp.name
_chem_comp.formula
JY7 non-polymer 8-fluoro-6-methoxy-3-methyl-1-(3-methylpyridin-4-yl)-3H-pyrazolo[3,4-c]cinnoline 'C17 H14 F N5 O'
MG non-polymer 'MAGNESIUM ION' 'Mg 2'
ZN non-polymer 'ZINC ION' 'Zn 2'
#
# COMPACT_ATOMS: atom_id res chain seq x y z
N MET A 4 27.33 -13.51 6.45
CA MET A 4 26.25 -12.90 5.69
C MET A 4 25.78 -11.55 6.32
N SER A 5 24.52 -11.42 6.84
CA SER A 5 24.05 -10.16 7.42
C SER A 5 23.28 -10.33 8.73
N ILE A 6 23.71 -9.57 9.75
CA ILE A 6 23.17 -9.58 11.11
C ILE A 6 22.31 -8.33 11.40
N CYS A 7 21.33 -8.45 12.32
CA CYS A 7 20.46 -7.34 12.71
C CYS A 7 21.08 -6.48 13.85
N THR A 8 20.58 -5.23 14.03
CA THR A 8 21.06 -4.34 15.12
C THR A 8 20.29 -4.69 16.39
N SER A 9 20.81 -4.24 17.55
CA SER A 9 20.18 -4.49 18.85
C SER A 9 18.84 -3.76 18.95
N GLU A 10 18.74 -2.55 18.34
CA GLU A 10 17.53 -1.71 18.30
C GLU A 10 16.35 -2.49 17.73
N GLU A 11 16.57 -3.11 16.56
CA GLU A 11 15.62 -3.88 15.77
C GLU A 11 14.94 -5.02 16.50
N TRP A 12 15.72 -5.97 17.09
CA TRP A 12 15.11 -7.11 17.78
C TRP A 12 14.49 -6.72 19.12
N GLN A 13 15.05 -5.68 19.78
CA GLN A 13 14.50 -5.20 21.06
C GLN A 13 13.10 -4.60 20.87
N GLY A 14 12.92 -3.85 19.78
CA GLY A 14 11.63 -3.24 19.41
C GLY A 14 10.56 -4.29 19.13
N LEU A 15 11.00 -5.43 18.52
CA LEU A 15 10.18 -6.60 18.17
C LEU A 15 9.63 -7.27 19.44
N MET A 16 10.47 -7.35 20.49
CA MET A 16 10.11 -7.93 21.80
C MET A 16 8.97 -7.15 22.46
N GLN A 17 9.00 -5.81 22.31
CA GLN A 17 8.03 -4.86 22.86
C GLN A 17 6.66 -4.97 22.17
N PHE A 18 6.65 -5.30 20.86
CA PHE A 18 5.44 -5.36 20.01
C PHE A 18 4.28 -6.23 20.54
N THR A 19 3.09 -5.63 20.47
CA THR A 19 1.79 -6.20 20.80
C THR A 19 0.90 -5.96 19.56
N LEU A 20 0.25 -7.03 19.07
CA LEU A 20 -0.62 -6.99 17.89
C LEU A 20 -1.98 -6.37 18.26
N PRO A 21 -2.58 -5.49 17.42
CA PRO A 21 -3.92 -4.95 17.77
C PRO A 21 -5.02 -6.03 17.75
N VAL A 22 -5.96 -5.98 18.70
CA VAL A 22 -7.04 -6.96 18.86
C VAL A 22 -7.93 -7.15 17.62
N ARG A 23 -8.04 -6.13 16.74
CA ARG A 23 -8.87 -6.28 15.54
C ARG A 23 -8.26 -7.29 14.53
N LEU A 24 -6.91 -7.39 14.51
CA LEU A 24 -6.15 -8.26 13.63
C LEU A 24 -6.17 -9.71 14.09
N CYS A 25 -6.31 -9.94 15.42
CA CYS A 25 -6.32 -11.27 16.04
C CYS A 25 -7.30 -12.19 15.37
N LYS A 26 -8.51 -11.66 15.15
CA LYS A 26 -9.62 -12.35 14.50
C LYS A 26 -9.25 -12.62 13.05
N GLU A 27 -8.93 -11.54 12.28
CA GLU A 27 -8.62 -11.48 10.84
C GLU A 27 -7.44 -12.35 10.38
N ILE A 28 -6.35 -12.41 11.18
CA ILE A 28 -5.14 -13.21 10.93
C ILE A 28 -5.42 -14.73 10.83
N GLU A 29 -6.53 -15.20 11.40
CA GLU A 29 -6.88 -16.61 11.39
C GLU A 29 -7.48 -16.99 10.04
N LEU A 30 -7.96 -16.00 9.28
CA LEU A 30 -8.58 -16.19 7.96
C LEU A 30 -7.53 -16.41 6.89
N PHE A 31 -7.85 -17.29 5.94
CA PHE A 31 -7.01 -17.64 4.80
C PHE A 31 -6.78 -16.43 3.87
N HIS A 32 -7.84 -15.68 3.53
CA HIS A 32 -7.75 -14.51 2.62
C HIS A 32 -7.04 -13.25 3.22
N PHE A 33 -6.63 -13.29 4.53
CA PHE A 33 -5.97 -12.18 5.20
C PHE A 33 -4.77 -11.62 4.39
N ASP A 34 -4.80 -10.29 4.13
CA ASP A 34 -3.71 -9.61 3.43
C ASP A 34 -2.88 -8.83 4.43
N ILE A 35 -1.61 -9.19 4.53
CA ILE A 35 -0.64 -8.54 5.41
C ILE A 35 -0.22 -7.19 4.83
N GLY A 36 -0.43 -7.00 3.50
CA GLY A 36 -0.09 -5.83 2.70
C GLY A 36 -0.05 -4.48 3.41
N PRO A 37 -1.20 -4.03 4.02
CA PRO A 37 -1.22 -2.71 4.69
C PRO A 37 -0.52 -2.54 6.04
N PHE A 38 0.13 -3.60 6.57
CA PHE A 38 0.74 -3.56 7.90
C PHE A 38 2.25 -3.75 7.93
N GLU A 39 2.98 -3.18 6.97
CA GLU A 39 4.43 -3.41 6.85
C GLU A 39 5.20 -3.40 8.18
N ASN A 40 5.03 -2.34 9.00
CA ASN A 40 5.74 -2.18 10.27
C ASN A 40 5.54 -3.36 11.24
N MET A 41 4.32 -3.94 11.21
CA MET A 41 3.90 -5.06 12.04
C MET A 41 4.36 -6.43 11.57
N TRP A 42 4.86 -6.60 10.30
CA TRP A 42 5.22 -7.94 9.74
C TRP A 42 6.10 -8.79 10.65
N PRO A 43 7.23 -8.31 11.22
CA PRO A 43 7.99 -9.18 12.12
C PRO A 43 7.15 -9.57 13.36
N GLY A 44 6.32 -8.66 13.84
CA GLY A 44 5.44 -8.89 14.98
C GLY A 44 4.29 -9.85 14.72
N ILE A 45 3.83 -9.88 13.45
CA ILE A 45 2.77 -10.77 12.98
C ILE A 45 3.33 -12.19 13.04
N PHE A 46 4.59 -12.36 12.61
CA PHE A 46 5.24 -13.67 12.62
C PHE A 46 5.36 -14.26 14.02
N VAL A 47 5.86 -13.45 14.98
CA VAL A 47 6.00 -13.83 16.40
C VAL A 47 4.63 -14.31 16.91
N TYR A 48 3.60 -13.49 16.68
CA TYR A 48 2.24 -13.82 17.10
C TYR A 48 1.88 -15.22 16.64
N MET A 49 2.12 -15.51 15.33
CA MET A 49 1.79 -16.77 14.68
C MET A 49 2.53 -17.92 15.29
N VAL A 50 3.86 -17.76 15.51
CA VAL A 50 4.70 -18.74 16.18
C VAL A 50 4.09 -19.08 17.55
N HIS A 51 3.76 -18.02 18.36
CA HIS A 51 3.18 -18.18 19.69
C HIS A 51 1.80 -18.81 19.69
N ARG A 52 0.91 -18.43 18.78
CA ARG A 52 -0.44 -19.01 18.75
C ARG A 52 -0.45 -20.46 18.26
N SER A 53 0.54 -20.83 17.43
CA SER A 53 0.62 -22.17 16.87
C SER A 53 1.43 -23.13 17.72
N CYS A 54 2.53 -22.66 18.33
CA CYS A 54 3.47 -23.48 19.12
C CYS A 54 3.47 -23.21 20.66
N GLY A 55 3.00 -22.04 21.08
CA GLY A 55 2.98 -21.63 22.48
C GLY A 55 3.95 -20.49 22.76
N THR A 56 3.66 -19.71 23.83
CA THR A 56 4.44 -18.54 24.27
C THR A 56 5.88 -18.88 24.71
N SER A 57 6.11 -20.13 25.15
CA SER A 57 7.44 -20.57 25.59
C SER A 57 7.79 -21.96 25.04
N CYS A 58 8.23 -21.94 23.77
CA CYS A 58 8.67 -23.06 22.93
C CYS A 58 9.88 -22.57 22.11
N PHE A 59 10.20 -21.27 22.28
CA PHE A 59 11.27 -20.52 21.66
C PHE A 59 11.65 -19.40 22.62
N GLU A 60 12.97 -19.21 22.84
CA GLU A 60 13.48 -18.14 23.70
C GLU A 60 13.24 -16.83 22.97
N LEU A 61 12.27 -16.01 23.46
CA LEU A 61 11.82 -14.72 22.91
C LEU A 61 12.95 -13.89 22.33
N GLU A 62 14.03 -13.77 23.10
CA GLU A 62 15.24 -13.06 22.72
C GLU A 62 15.80 -13.63 21.42
N LYS A 63 16.12 -14.94 21.37
CA LYS A 63 16.73 -15.57 20.18
C LYS A 63 15.85 -15.47 18.91
N LEU A 64 14.52 -15.67 19.08
CA LEU A 64 13.51 -15.64 18.04
C LEU A 64 13.48 -14.29 17.36
N CYS A 65 13.50 -13.21 18.16
CA CYS A 65 13.48 -11.83 17.68
C CYS A 65 14.74 -11.45 16.90
N ARG A 66 15.87 -12.03 17.27
CA ARG A 66 17.14 -11.77 16.62
C ARG A 66 17.12 -12.50 15.27
N PHE A 67 16.53 -13.72 15.24
CA PHE A 67 16.40 -14.56 14.05
C PHE A 67 15.57 -13.88 12.96
N ILE A 68 14.30 -13.55 13.29
CA ILE A 68 13.33 -12.85 12.44
C ILE A 68 13.98 -11.61 11.81
N MET A 69 14.57 -10.77 12.64
CA MET A 69 15.21 -9.53 12.23
C MET A 69 16.42 -9.73 11.33
N SER A 70 17.15 -10.85 11.50
CA SER A 70 18.28 -11.16 10.62
C SER A 70 17.79 -11.76 9.31
N VAL A 71 16.65 -12.47 9.37
CA VAL A 71 15.98 -13.08 8.21
C VAL A 71 15.49 -11.95 7.33
N LYS A 72 14.84 -10.92 7.95
CA LYS A 72 14.36 -9.72 7.25
C LYS A 72 15.52 -9.06 6.45
N LYS A 73 16.67 -8.89 7.11
CA LYS A 73 17.87 -8.30 6.54
C LYS A 73 18.43 -9.06 5.35
N ASN A 74 18.28 -10.39 5.31
CA ASN A 74 18.84 -11.16 4.21
C ASN A 74 17.86 -11.40 3.05
N TYR A 75 16.76 -10.63 3.02
CA TYR A 75 15.82 -10.61 1.90
C TYR A 75 16.15 -9.35 1.11
N ARG A 76 16.44 -9.50 -0.19
CA ARG A 76 16.79 -8.37 -1.06
C ARG A 76 15.58 -7.55 -1.47
N ARG A 77 15.81 -6.32 -1.95
CA ARG A 77 14.72 -5.43 -2.38
C ARG A 77 14.41 -5.63 -3.86
N VAL A 78 13.98 -6.86 -4.19
CA VAL A 78 13.56 -7.28 -5.53
C VAL A 78 12.04 -7.01 -5.60
N PRO A 79 11.39 -6.95 -6.79
CA PRO A 79 9.96 -6.61 -6.82
C PRO A 79 9.00 -7.62 -6.16
N TYR A 80 9.33 -8.92 -6.21
CA TYR A 80 8.41 -9.93 -5.68
C TYR A 80 8.97 -10.82 -4.56
N HIS A 81 10.14 -11.46 -4.80
CA HIS A 81 10.78 -12.42 -3.90
C HIS A 81 11.50 -11.73 -2.72
N ASN A 82 10.74 -10.92 -2.01
CA ASN A 82 11.15 -10.05 -0.93
C ASN A 82 10.57 -10.49 0.43
N TRP A 83 10.85 -9.69 1.48
CA TRP A 83 10.42 -9.92 2.85
C TRP A 83 8.90 -10.08 2.94
N LYS A 84 8.14 -9.26 2.19
CA LYS A 84 6.67 -9.27 2.12
C LYS A 84 6.17 -10.65 1.69
N HIS A 85 6.85 -11.26 0.71
CA HIS A 85 6.51 -12.59 0.19
C HIS A 85 6.74 -13.61 1.30
N ALA A 86 7.88 -13.53 2.01
CA ALA A 86 8.23 -14.44 3.12
C ALA A 86 7.12 -14.54 4.17
N VAL A 87 6.56 -13.41 4.57
CA VAL A 87 5.54 -13.29 5.61
C VAL A 87 4.13 -13.74 5.08
N THR A 88 3.82 -13.46 3.80
CA THR A 88 2.59 -13.88 3.13
C THR A 88 2.54 -15.44 3.14
N VAL A 89 3.65 -16.07 2.73
CA VAL A 89 3.81 -17.52 2.66
C VAL A 89 3.70 -18.13 4.08
N ALA A 90 4.41 -17.53 5.08
CA ALA A 90 4.34 -17.97 6.49
C ALA A 90 2.92 -17.82 7.06
N HIS A 91 2.18 -16.74 6.69
CA HIS A 91 0.83 -16.53 7.17
C HIS A 91 -0.08 -17.63 6.65
N CYS A 92 0.02 -17.95 5.34
CA CYS A 92 -0.79 -19.03 4.74
C CYS A 92 -0.53 -20.38 5.44
N MET A 93 0.72 -20.64 5.81
CA MET A 93 1.09 -21.86 6.51
C MET A 93 0.44 -21.85 7.88
N TYR A 94 0.47 -20.70 8.56
CA TYR A 94 -0.15 -20.54 9.88
C TYR A 94 -1.64 -20.89 9.77
N ALA A 95 -2.36 -20.33 8.80
CA ALA A 95 -3.77 -20.63 8.56
C ALA A 95 -3.99 -22.12 8.25
N ILE A 96 -3.05 -22.76 7.51
CA ILE A 96 -3.16 -24.19 7.22
C ILE A 96 -3.01 -25.02 8.51
N LEU A 97 -1.91 -24.76 9.25
CA LEU A 97 -1.63 -25.46 10.50
C LEU A 97 -2.76 -25.32 11.51
N GLN A 98 -3.29 -24.10 11.71
CA GLN A 98 -4.40 -23.82 12.65
C GLN A 98 -5.68 -24.60 12.36
N ASN A 99 -6.07 -24.69 11.08
CA ASN A 99 -7.26 -25.43 10.67
C ASN A 99 -7.08 -26.98 10.61
N ASN A 100 -5.87 -27.50 10.94
CA ASN A 100 -5.53 -28.94 10.92
C ASN A 100 -4.50 -29.21 12.02
N HIS A 101 -4.57 -28.50 13.16
CA HIS A 101 -3.54 -28.49 14.20
C HIS A 101 -2.96 -29.87 14.61
N THR A 102 -3.81 -30.83 15.00
CA THR A 102 -3.29 -32.10 15.54
C THR A 102 -2.82 -33.11 14.48
N LEU A 103 -2.90 -32.76 13.18
CA LEU A 103 -2.39 -33.62 12.10
C LEU A 103 -0.88 -33.56 12.12
N PHE A 104 -0.34 -32.42 12.53
CA PHE A 104 1.08 -32.20 12.58
C PHE A 104 1.62 -32.21 13.96
N THR A 105 2.90 -32.61 14.07
CA THR A 105 3.64 -32.66 15.33
C THR A 105 4.10 -31.24 15.69
N ASP A 106 4.53 -31.03 16.95
CA ASP A 106 5.00 -29.74 17.44
C ASP A 106 6.28 -29.38 16.73
N LEU A 107 7.07 -30.39 16.38
CA LEU A 107 8.31 -30.21 15.65
C LEU A 107 8.09 -29.81 14.18
N GLU A 108 7.01 -30.30 13.55
CA GLU A 108 6.63 -30.00 12.19
C GLU A 108 6.10 -28.57 12.15
N ARG A 109 5.16 -28.22 13.04
CA ARG A 109 4.62 -26.85 13.13
C ARG A 109 5.74 -25.81 13.29
N LYS A 110 6.76 -26.10 14.12
CA LYS A 110 7.93 -25.23 14.36
C LYS A 110 8.71 -25.01 13.08
N GLY A 111 9.25 -26.10 12.53
CA GLY A 111 10.05 -26.11 11.32
C GLY A 111 9.37 -25.53 10.09
N LEU A 112 8.06 -25.82 9.89
CA LEU A 112 7.29 -25.36 8.72
C LEU A 112 7.10 -23.83 8.68
N LEU A 113 6.82 -23.19 9.83
CA LEU A 113 6.67 -21.73 9.93
C LEU A 113 8.02 -21.06 9.62
N ILE A 114 9.12 -21.59 10.16
CA ILE A 114 10.48 -21.07 9.93
C ILE A 114 10.92 -21.30 8.46
N ALA A 115 10.63 -22.51 7.89
CA ALA A 115 10.93 -22.85 6.52
C ALA A 115 10.17 -21.92 5.58
N CYS A 116 8.92 -21.59 5.92
CA CYS A 116 8.14 -20.64 5.14
C CYS A 116 8.74 -19.23 5.13
N LEU A 117 9.26 -18.76 6.29
CA LEU A 117 9.83 -17.41 6.37
C LEU A 117 11.19 -17.34 5.69
N CYS A 118 11.89 -18.47 5.55
CA CYS A 118 13.22 -18.57 4.97
C CYS A 118 13.26 -19.16 3.58
N HIS A 119 12.12 -19.64 3.05
CA HIS A 119 12.09 -20.38 1.77
C HIS A 119 12.68 -19.64 0.55
N ASP A 120 12.64 -18.31 0.50
CA ASP A 120 13.18 -17.55 -0.66
C ASP A 120 14.35 -16.63 -0.27
N LEU A 121 15.04 -16.98 0.82
CA LEU A 121 16.15 -16.24 1.42
C LEU A 121 17.28 -15.91 0.46
N ASP A 122 17.57 -14.60 0.33
CA ASP A 122 18.63 -14.05 -0.54
C ASP A 122 18.32 -14.27 -2.04
N HIS A 123 17.04 -14.09 -2.42
CA HIS A 123 16.63 -14.23 -3.82
C HIS A 123 17.11 -13.00 -4.60
N ARG A 124 17.76 -13.24 -5.76
CA ARG A 124 18.30 -12.18 -6.62
C ARG A 124 17.33 -11.74 -7.76
N GLY A 125 16.15 -12.36 -7.83
CA GLY A 125 15.12 -12.04 -8.81
C GLY A 125 15.31 -12.75 -10.12
N PHE A 126 16.10 -13.85 -10.09
CA PHE A 126 16.43 -14.66 -11.25
C PHE A 126 16.08 -16.12 -11.00
N SER A 127 15.42 -16.74 -11.98
CA SER A 127 14.99 -18.14 -11.99
C SER A 127 16.17 -19.11 -12.04
N ASN A 128 15.89 -20.40 -11.75
CA ASN A 128 16.86 -21.48 -11.85
C ASN A 128 17.32 -21.69 -13.29
N SER A 129 16.44 -21.42 -14.28
CA SER A 129 16.78 -21.55 -15.71
C SER A 129 17.89 -20.54 -16.06
N TYR A 130 17.72 -19.28 -15.64
CA TYR A 130 18.69 -18.22 -15.87
C TYR A 130 20.06 -18.65 -15.34
N LEU A 131 20.18 -18.93 -14.02
CA LEU A 131 21.43 -19.30 -13.34
C LEU A 131 22.17 -20.44 -13.99
N GLN A 132 21.42 -21.44 -14.48
CA GLN A 132 21.96 -22.61 -15.14
C GLN A 132 22.45 -22.30 -16.56
N LYS A 133 21.71 -21.47 -17.33
CA LYS A 133 22.06 -21.12 -18.72
C LYS A 133 23.24 -20.14 -18.85
N PHE A 134 23.45 -19.27 -17.87
CA PHE A 134 24.55 -18.31 -17.89
C PHE A 134 25.68 -18.69 -16.91
N ASP A 135 25.76 -19.99 -16.55
CA ASP A 135 26.71 -20.63 -15.65
C ASP A 135 27.15 -19.70 -14.49
N HIS A 136 26.22 -19.47 -13.57
CA HIS A 136 26.40 -18.64 -12.38
C HIS A 136 27.09 -19.53 -11.34
N PRO A 137 28.03 -18.99 -10.50
CA PRO A 137 28.68 -19.83 -9.47
C PRO A 137 27.75 -20.71 -8.63
N LEU A 138 26.49 -20.25 -8.37
CA LEU A 138 25.45 -20.95 -7.62
C LEU A 138 24.97 -22.21 -8.32
N ALA A 139 25.01 -22.24 -9.69
CA ALA A 139 24.62 -23.39 -10.50
C ALA A 139 25.73 -24.47 -10.49
N ALA A 140 26.99 -24.02 -10.28
CA ALA A 140 28.17 -24.90 -10.17
C ALA A 140 28.17 -25.58 -8.80
N LEU A 141 27.64 -24.87 -7.77
CA LEU A 141 27.50 -25.33 -6.39
C LEU A 141 26.36 -26.36 -6.27
N TYR A 142 25.15 -25.98 -6.76
CA TYR A 142 23.94 -26.79 -6.70
C TYR A 142 23.45 -27.02 -8.13
N SER A 143 23.58 -28.27 -8.61
CA SER A 143 23.24 -28.70 -9.96
C SER A 143 21.75 -28.58 -10.25
N THR A 144 20.90 -29.07 -9.30
CA THR A 144 19.44 -29.03 -9.39
C THR A 144 18.91 -28.24 -8.21
N SER A 145 17.69 -27.68 -8.37
CA SER A 145 16.98 -26.85 -7.41
C SER A 145 17.93 -25.83 -6.81
N THR A 146 18.67 -25.16 -7.71
CA THR A 146 19.75 -24.18 -7.48
C THR A 146 19.45 -23.16 -6.36
N MET A 147 18.41 -22.32 -6.55
CA MET A 147 18.02 -21.29 -5.57
C MET A 147 17.57 -21.89 -4.27
N GLU A 148 16.75 -22.97 -4.32
CA GLU A 148 16.18 -23.64 -3.16
C GLU A 148 17.25 -24.24 -2.25
N GLN A 149 18.32 -24.79 -2.81
CA GLN A 149 19.42 -25.35 -2.02
C GLN A 149 20.21 -24.19 -1.38
N HIS A 150 20.32 -23.06 -2.09
CA HIS A 150 20.97 -21.86 -1.58
C HIS A 150 20.15 -21.21 -0.45
N HIS A 151 18.80 -21.17 -0.57
CA HIS A 151 17.90 -20.61 0.46
C HIS A 151 18.03 -21.40 1.77
N PHE A 152 18.19 -22.73 1.68
CA PHE A 152 18.38 -23.59 2.85
C PHE A 152 19.74 -23.33 3.48
N SER A 153 20.77 -23.14 2.63
CA SER A 153 22.14 -22.84 3.05
C SER A 153 22.12 -21.53 3.87
N GLN A 154 21.42 -20.48 3.37
CA GLN A 154 21.28 -19.20 4.08
C GLN A 154 20.56 -19.41 5.42
N THR A 155 19.53 -20.29 5.48
CA THR A 155 18.75 -20.57 6.69
C THR A 155 19.65 -21.14 7.78
N VAL A 156 20.46 -22.14 7.43
CA VAL A 156 21.42 -22.82 8.31
C VAL A 156 22.46 -21.80 8.78
N SER A 157 22.97 -20.97 7.86
CA SER A 157 23.93 -19.93 8.17
C SER A 157 23.37 -18.86 9.13
N ILE A 158 22.06 -18.55 9.08
CA ILE A 158 21.44 -17.60 10.03
C ILE A 158 21.31 -18.28 11.40
N LEU A 159 21.02 -19.60 11.39
CA LEU A 159 20.94 -20.38 12.63
C LEU A 159 22.32 -20.50 13.30
N GLN A 160 23.38 -20.71 12.49
CA GLN A 160 24.77 -20.83 12.95
C GLN A 160 25.41 -19.47 13.35
N LEU A 161 24.59 -18.44 13.50
CA LEU A 161 25.02 -17.09 13.87
C LEU A 161 24.82 -16.85 15.37
N GLU A 162 25.62 -15.93 15.95
CA GLU A 162 25.64 -15.55 17.34
C GLU A 162 24.25 -15.21 17.92
N GLY A 163 23.72 -16.13 18.74
CA GLY A 163 22.45 -15.98 19.44
C GLY A 163 21.17 -15.98 18.62
N HIS A 164 21.23 -16.57 17.42
CA HIS A 164 20.10 -16.69 16.50
C HIS A 164 19.59 -18.15 16.42
N ASN A 165 20.41 -19.11 16.93
CA ASN A 165 20.17 -20.56 16.95
C ASN A 165 18.97 -20.99 17.83
N ILE A 166 17.77 -20.65 17.39
CA ILE A 166 16.47 -20.89 18.04
C ILE A 166 16.13 -22.36 18.37
N PHE A 167 16.94 -23.32 17.86
CA PHE A 167 16.71 -24.76 18.03
C PHE A 167 17.68 -25.50 18.97
N SER A 168 18.77 -24.83 19.44
CA SER A 168 19.80 -25.41 20.30
C SER A 168 19.24 -26.21 21.50
N THR A 169 18.18 -25.71 22.14
CA THR A 169 17.51 -26.35 23.27
C THR A 169 16.75 -27.69 22.94
N LEU A 170 16.69 -28.11 21.66
CA LEU A 170 16.04 -29.39 21.31
C LEU A 170 17.04 -30.52 21.53
N SER A 171 16.62 -31.80 21.46
CA SER A 171 17.49 -33.00 21.55
C SER A 171 18.43 -33.03 20.33
N SER A 172 19.43 -33.93 20.28
CA SER A 172 20.31 -34.01 19.09
C SER A 172 19.52 -34.63 17.92
N SER A 173 18.60 -35.55 18.29
CA SER A 173 17.67 -36.32 17.47
C SER A 173 16.64 -35.36 16.89
N GLU A 174 16.03 -34.53 17.76
CA GLU A 174 15.02 -33.51 17.46
C GLU A 174 15.61 -32.37 16.61
N TYR A 175 16.85 -31.92 16.90
CA TYR A 175 17.51 -30.86 16.12
C TYR A 175 17.76 -31.29 14.69
N GLU A 176 18.22 -32.55 14.50
CA GLU A 176 18.48 -33.12 13.18
C GLU A 176 17.17 -33.29 12.40
N GLN A 177 16.07 -33.66 13.06
CA GLN A 177 14.76 -33.85 12.42
C GLN A 177 14.17 -32.56 11.88
N VAL A 178 14.12 -31.52 12.73
CA VAL A 178 13.57 -30.22 12.36
C VAL A 178 14.39 -29.60 11.22
N LEU A 179 15.73 -29.70 11.29
CA LEU A 179 16.60 -29.19 10.25
C LEU A 179 16.40 -29.92 8.92
N GLU A 180 15.90 -31.17 8.97
CA GLU A 180 15.59 -31.98 7.79
C GLU A 180 14.15 -31.69 7.29
N ILE A 181 13.21 -31.34 8.19
CA ILE A 181 11.81 -30.96 7.84
C ILE A 181 11.91 -29.68 7.00
N ILE A 182 12.76 -28.73 7.46
CA ILE A 182 13.06 -27.43 6.85
C ILE A 182 13.72 -27.64 5.48
N ARG A 183 14.73 -28.56 5.40
CA ARG A 183 15.40 -28.88 4.15
C ARG A 183 14.37 -29.33 3.12
N LYS A 184 13.58 -30.36 3.43
CA LYS A 184 12.54 -30.87 2.52
C LYS A 184 11.50 -29.81 2.15
N ALA A 185 11.04 -29.00 3.14
CA ALA A 185 10.06 -27.96 2.92
C ALA A 185 10.54 -26.90 1.90
N ILE A 186 11.74 -26.33 2.10
CA ILE A 186 12.34 -25.32 1.20
C ILE A 186 12.59 -25.93 -0.20
N ILE A 187 13.07 -27.18 -0.29
CA ILE A 187 13.33 -27.85 -1.59
C ILE A 187 12.02 -28.06 -2.38
N ALA A 188 10.93 -28.42 -1.71
CA ALA A 188 9.61 -28.63 -2.33
C ALA A 188 9.07 -27.36 -2.99
N THR A 189 9.54 -26.18 -2.53
CA THR A 189 9.13 -24.88 -3.10
C THR A 189 9.69 -24.64 -4.55
N ASP A 190 10.52 -25.57 -5.05
CA ASP A 190 10.99 -25.51 -6.44
C ASP A 190 9.79 -26.03 -7.24
N LEU A 191 9.10 -25.12 -7.94
CA LEU A 191 7.91 -25.43 -8.73
C LEU A 191 8.06 -26.62 -9.69
N ALA A 192 9.28 -26.88 -10.22
CA ALA A 192 9.51 -28.03 -11.11
C ALA A 192 9.18 -29.34 -10.45
N LEU A 193 9.43 -29.46 -9.12
CA LEU A 193 9.19 -30.64 -8.33
C LEU A 193 7.71 -30.87 -8.02
N TYR A 194 6.93 -29.79 -8.02
CA TYR A 194 5.52 -29.82 -7.66
C TYR A 194 4.66 -30.76 -8.53
N PHE A 195 4.79 -30.68 -9.86
CA PHE A 195 4.01 -31.46 -10.84
C PHE A 195 4.02 -32.95 -10.58
N GLY A 196 5.21 -33.50 -10.33
CA GLY A 196 5.39 -34.91 -10.00
C GLY A 196 4.67 -35.24 -8.71
N ASN A 197 5.02 -34.48 -7.66
CA ASN A 197 4.47 -34.62 -6.31
C ASN A 197 2.94 -34.60 -6.30
N ARG A 198 2.34 -33.66 -7.06
CA ARG A 198 0.89 -33.48 -7.16
C ARG A 198 0.23 -34.70 -7.81
N LYS A 199 0.88 -35.29 -8.83
CA LYS A 199 0.37 -36.48 -9.50
C LYS A 199 0.40 -37.72 -8.58
N GLN A 200 1.48 -37.89 -7.79
CA GLN A 200 1.63 -39.02 -6.87
C GLN A 200 0.58 -38.98 -5.76
N LEU A 201 0.30 -37.78 -5.22
CA LEU A 201 -0.68 -37.55 -4.18
C LEU A 201 -2.09 -37.80 -4.72
N GLU A 202 -2.36 -37.38 -5.97
CA GLU A 202 -3.67 -37.57 -6.61
C GLU A 202 -3.98 -39.06 -6.82
N GLU A 203 -2.96 -39.84 -7.19
CA GLU A 203 -3.11 -41.29 -7.37
C GLU A 203 -3.42 -41.90 -5.99
N MET A 204 -2.56 -41.62 -4.98
CA MET A 204 -2.69 -42.10 -3.61
C MET A 204 -4.08 -41.83 -3.01
N TYR A 205 -4.65 -40.64 -3.29
CA TYR A 205 -5.97 -40.28 -2.80
C TYR A 205 -7.05 -41.12 -3.49
N GLN A 206 -6.96 -41.27 -4.83
CA GLN A 206 -7.90 -42.04 -5.65
C GLN A 206 -7.97 -43.52 -5.23
N THR A 207 -6.81 -44.17 -5.08
CA THR A 207 -6.69 -45.58 -4.70
C THR A 207 -7.01 -45.82 -3.21
N GLY A 208 -7.07 -44.75 -2.42
CA GLY A 208 -7.31 -44.80 -1.00
C GLY A 208 -6.10 -45.32 -0.23
N SER A 209 -4.88 -45.17 -0.83
CA SER A 209 -3.62 -45.62 -0.24
C SER A 209 -2.88 -44.55 0.58
N LEU A 210 -3.30 -43.26 0.46
CA LEU A 210 -2.69 -42.14 1.21
C LEU A 210 -2.84 -42.41 2.69
N ASN A 211 -1.69 -42.48 3.39
CA ASN A 211 -1.60 -42.74 4.81
C ASN A 211 -0.66 -41.70 5.44
N LEU A 212 -1.24 -40.77 6.23
CA LEU A 212 -0.48 -39.70 6.92
C LEU A 212 0.59 -40.21 7.90
N ASN A 213 0.50 -41.50 8.33
CA ASN A 213 1.45 -42.15 9.26
C ASN A 213 2.74 -42.62 8.55
N ASN A 214 2.65 -42.75 7.22
CA ASN A 214 3.76 -43.09 6.33
C ASN A 214 4.60 -41.82 6.10
N GLN A 215 5.88 -41.80 6.52
CA GLN A 215 6.78 -40.65 6.41
C GLN A 215 6.91 -40.11 5.00
N SER A 216 7.04 -40.98 4.00
CA SER A 216 7.16 -40.59 2.60
C SER A 216 5.89 -39.85 2.13
N HIS A 217 4.70 -40.37 2.53
CA HIS A 217 3.38 -39.80 2.21
C HIS A 217 3.24 -38.43 2.90
N ARG A 218 3.72 -38.35 4.17
CA ARG A 218 3.76 -37.19 5.02
C ARG A 218 4.59 -36.09 4.37
N ASP A 219 5.84 -36.43 3.97
CA ASP A 219 6.75 -35.50 3.30
C ASP A 219 6.13 -34.96 2.01
N ARG A 220 5.39 -35.82 1.25
CA ARG A 220 4.71 -35.42 0.02
C ARG A 220 3.60 -34.39 0.32
N VAL A 221 2.79 -34.63 1.39
CA VAL A 221 1.70 -33.73 1.82
C VAL A 221 2.27 -32.36 2.22
N ILE A 222 3.34 -32.34 3.03
CA ILE A 222 4.06 -31.13 3.45
C ILE A 222 4.52 -30.35 2.20
N GLY A 223 5.12 -31.03 1.23
CA GLY A 223 5.54 -30.44 -0.02
C GLY A 223 4.43 -29.66 -0.72
N LEU A 224 3.23 -30.27 -0.84
CA LEU A 224 2.10 -29.62 -1.51
C LEU A 224 1.61 -28.42 -0.69
N MET A 225 1.77 -28.49 0.65
CA MET A 225 1.40 -27.39 1.53
C MET A 225 2.34 -26.25 1.26
N MET A 226 3.64 -26.56 1.07
CA MET A 226 4.65 -25.56 0.73
C MET A 226 4.28 -24.84 -0.57
N THR A 227 3.90 -25.61 -1.63
CA THR A 227 3.47 -25.05 -2.91
C THR A 227 2.22 -24.20 -2.72
N ALA A 228 1.20 -24.73 -2.02
CA ALA A 228 -0.03 -23.99 -1.76
C ALA A 228 0.25 -22.65 -1.05
N CYS A 229 1.21 -22.62 -0.10
CA CYS A 229 1.56 -21.39 0.62
C CYS A 229 2.32 -20.43 -0.28
N ASP A 230 3.27 -20.97 -1.08
CA ASP A 230 4.06 -20.21 -2.02
C ASP A 230 3.21 -19.50 -3.09
N LEU A 231 2.06 -20.09 -3.46
CA LEU A 231 1.17 -19.51 -4.47
C LEU A 231 0.00 -18.69 -3.93
N CYS A 232 -0.17 -18.58 -2.59
CA CYS A 232 -1.34 -17.99 -1.94
C CYS A 232 -1.72 -16.59 -2.40
N SER A 233 -0.82 -15.86 -3.09
CA SER A 233 -1.20 -14.56 -3.63
C SER A 233 -2.39 -14.71 -4.58
N VAL A 234 -2.58 -15.92 -5.22
CA VAL A 234 -3.71 -16.23 -6.14
C VAL A 234 -5.03 -16.48 -5.37
N THR A 235 -4.96 -16.48 -4.05
CA THR A 235 -5.99 -16.81 -3.09
C THR A 235 -6.58 -15.54 -2.34
N LYS A 236 -6.05 -14.37 -2.64
CA LYS A 236 -6.48 -13.12 -1.98
C LYS A 236 -7.59 -12.47 -2.79
N LEU A 237 -8.15 -11.33 -2.31
CA LEU A 237 -9.21 -10.60 -3.04
C LEU A 237 -8.65 -10.10 -4.37
N TRP A 238 -9.48 -10.09 -5.42
CA TRP A 238 -9.02 -9.71 -6.75
C TRP A 238 -8.09 -8.47 -6.79
N PRO A 239 -8.35 -7.29 -6.13
CA PRO A 239 -7.40 -6.16 -6.24
C PRO A 239 -6.01 -6.45 -5.68
N VAL A 240 -5.92 -7.26 -4.62
CA VAL A 240 -4.63 -7.66 -4.05
C VAL A 240 -3.92 -8.61 -5.04
N THR A 241 -4.63 -9.65 -5.53
CA THR A 241 -4.11 -10.64 -6.49
C THR A 241 -3.58 -9.97 -7.78
N LYS A 242 -4.36 -9.01 -8.33
CA LYS A 242 -3.99 -8.23 -9.52
C LYS A 242 -2.68 -7.46 -9.29
N LEU A 243 -2.55 -6.75 -8.15
CA LEU A 243 -1.33 -6.01 -7.80
C LEU A 243 -0.12 -6.93 -7.58
N THR A 244 -0.32 -8.10 -6.95
CA THR A 244 0.78 -9.04 -6.73
C THR A 244 1.33 -9.53 -8.07
N ALA A 245 0.46 -9.80 -9.08
CA ALA A 245 0.91 -10.25 -10.41
C ALA A 245 1.78 -9.19 -11.09
N ASN A 246 1.53 -7.89 -10.81
CA ASN A 246 2.33 -6.80 -11.37
C ASN A 246 3.77 -6.88 -10.88
N ASP A 247 3.97 -7.25 -9.57
CA ASP A 247 5.29 -7.46 -8.94
C ASP A 247 5.98 -8.70 -9.51
N ILE A 248 5.22 -9.83 -9.65
CA ILE A 248 5.74 -11.10 -10.21
C ILE A 248 6.26 -10.81 -11.63
N TYR A 249 5.41 -10.19 -12.49
CA TYR A 249 5.81 -9.89 -13.87
C TYR A 249 6.96 -8.86 -13.97
N ALA A 250 7.06 -7.88 -13.04
CA ALA A 250 8.13 -6.88 -12.95
C ALA A 250 9.46 -7.59 -12.82
N GLU A 251 9.48 -8.68 -12.04
CA GLU A 251 10.65 -9.52 -11.83
C GLU A 251 10.97 -10.36 -13.08
N PHE A 252 9.95 -10.92 -13.74
CA PHE A 252 10.09 -11.74 -14.96
C PHE A 252 10.68 -10.89 -16.09
N TRP A 253 10.13 -9.67 -16.26
CA TRP A 253 10.54 -8.71 -17.28
C TRP A 253 11.94 -8.20 -17.07
N ALA A 254 12.35 -8.03 -15.80
CA ALA A 254 13.72 -7.63 -15.44
C ALA A 254 14.72 -8.72 -15.79
N GLU A 255 14.33 -9.99 -15.62
CA GLU A 255 15.14 -11.15 -15.98
C GLU A 255 15.25 -11.27 -17.52
N GLY A 256 14.13 -11.05 -18.23
CA GLY A 256 14.08 -11.08 -19.68
C GLY A 256 14.93 -9.99 -20.29
N ASP A 257 14.95 -8.79 -19.65
CA ASP A 257 15.75 -7.64 -20.06
C ASP A 257 17.24 -7.97 -20.00
N GLU A 258 17.67 -8.77 -19.00
CA GLU A 258 19.06 -9.20 -18.85
C GLU A 258 19.44 -10.21 -19.92
N MET A 259 18.46 -10.91 -20.50
CA MET A 259 18.70 -11.84 -21.59
C MET A 259 18.80 -11.12 -22.91
N LYS A 260 17.95 -10.08 -23.11
CA LYS A 260 17.93 -9.24 -24.31
C LYS A 260 19.29 -8.54 -24.47
N LYS A 261 19.87 -8.05 -23.34
CA LYS A 261 21.18 -7.41 -23.24
C LYS A 261 22.33 -8.35 -23.71
N LEU A 262 22.10 -9.68 -23.68
CA LEU A 262 23.04 -10.71 -24.11
C LEU A 262 22.67 -11.25 -25.50
N GLY A 263 21.70 -10.61 -26.16
CA GLY A 263 21.21 -10.99 -27.48
C GLY A 263 20.20 -12.12 -27.53
N ILE A 264 19.94 -12.78 -26.37
CA ILE A 264 19.01 -13.89 -26.18
C ILE A 264 17.57 -13.41 -26.07
N GLN A 265 16.66 -13.99 -26.86
CA GLN A 265 15.25 -13.59 -26.78
C GLN A 265 14.59 -14.34 -25.62
N PRO A 266 13.95 -13.61 -24.66
CA PRO A 266 13.30 -14.31 -23.55
C PRO A 266 11.99 -14.94 -24.02
N ILE A 267 11.47 -15.86 -23.22
CA ILE A 267 10.17 -16.50 -23.45
C ILE A 267 9.10 -15.40 -23.29
N PRO A 268 7.91 -15.51 -23.93
CA PRO A 268 6.88 -14.45 -23.82
C PRO A 268 6.58 -13.94 -22.41
N MET A 269 6.64 -14.84 -21.43
CA MET A 269 6.38 -14.58 -20.01
C MET A 269 7.37 -13.57 -19.44
N MET A 270 8.60 -13.56 -19.95
CA MET A 270 9.66 -12.68 -19.49
C MET A 270 9.90 -11.48 -20.44
N ASP A 271 9.06 -11.35 -21.49
CA ASP A 271 9.14 -10.26 -22.46
C ASP A 271 8.16 -9.15 -22.12
N ARG A 272 8.72 -7.96 -21.84
CA ARG A 272 8.05 -6.70 -21.50
C ARG A 272 7.21 -6.19 -22.67
N ASP A 273 7.55 -6.61 -23.89
CA ASP A 273 6.86 -6.20 -25.12
C ASP A 273 5.57 -7.03 -25.32
N LYS A 274 5.42 -8.13 -24.55
CA LYS A 274 4.34 -9.09 -24.69
C LYS A 274 3.32 -9.05 -23.58
N LYS A 275 3.14 -7.90 -22.93
CA LYS A 275 2.16 -7.72 -21.87
C LYS A 275 0.76 -8.21 -22.21
N ASP A 276 0.29 -7.99 -23.44
CA ASP A 276 -1.05 -8.42 -23.89
C ASP A 276 -1.35 -9.90 -23.65
N GLU A 277 -0.31 -10.73 -23.61
CA GLU A 277 -0.38 -12.17 -23.40
C GLU A 277 -0.50 -12.56 -21.90
N VAL A 278 -0.29 -11.59 -20.97
CA VAL A 278 -0.31 -11.84 -19.51
C VAL A 278 -1.67 -12.44 -19.04
N PRO A 279 -2.87 -11.85 -19.34
CA PRO A 279 -4.12 -12.46 -18.85
C PRO A 279 -4.30 -13.91 -19.26
N GLN A 280 -3.90 -14.25 -20.50
CA GLN A 280 -3.93 -15.60 -21.06
C GLN A 280 -2.92 -16.51 -20.31
N GLY A 281 -1.72 -15.96 -20.03
CA GLY A 281 -0.68 -16.65 -19.27
C GLY A 281 -1.15 -16.98 -17.86
N GLN A 282 -1.85 -16.04 -17.20
CA GLN A 282 -2.41 -16.27 -15.86
C GLN A 282 -3.48 -17.35 -15.88
N LEU A 283 -4.36 -17.33 -16.89
CA LEU A 283 -5.39 -18.35 -17.04
C LEU A 283 -4.80 -19.74 -17.15
N GLY A 284 -3.75 -19.87 -17.96
CA GLY A 284 -3.01 -21.12 -18.14
C GLY A 284 -2.35 -21.61 -16.88
N PHE A 285 -1.74 -20.69 -16.08
CA PHE A 285 -1.09 -21.00 -14.80
C PHE A 285 -2.15 -21.46 -13.78
N TYR A 286 -3.32 -20.80 -13.71
CA TYR A 286 -4.39 -21.19 -12.78
C TYR A 286 -4.91 -22.55 -13.12
N ASN A 287 -5.10 -22.82 -14.42
CA ASN A 287 -5.62 -24.09 -14.92
C ASN A 287 -4.62 -25.21 -14.83
N ALA A 288 -3.35 -24.98 -15.18
CA ALA A 288 -2.32 -26.02 -15.14
C ALA A 288 -1.68 -26.25 -13.76
N VAL A 289 -1.57 -25.20 -12.93
CA VAL A 289 -0.84 -25.25 -11.67
C VAL A 289 -1.68 -24.95 -10.43
N ALA A 290 -2.23 -23.72 -10.26
CA ALA A 290 -2.94 -23.29 -9.04
C ALA A 290 -4.19 -24.10 -8.70
N ILE A 291 -5.19 -24.19 -9.63
CA ILE A 291 -6.39 -24.98 -9.42
C ILE A 291 -6.04 -26.43 -9.04
N PRO A 292 -5.22 -27.20 -9.81
CA PRO A 292 -4.86 -28.56 -9.39
C PRO A 292 -4.26 -28.64 -8.01
N CYS A 293 -3.38 -27.68 -7.64
CA CYS A 293 -2.74 -27.64 -6.33
C CYS A 293 -3.74 -27.53 -5.19
N TYR A 294 -4.64 -26.53 -5.26
CA TYR A 294 -5.63 -26.30 -4.21
C TYR A 294 -6.67 -27.39 -4.16
N THR A 295 -7.00 -28.00 -5.32
CA THR A 295 -7.93 -29.13 -5.46
C THR A 295 -7.39 -30.31 -4.69
N THR A 296 -6.13 -30.70 -4.96
CA THR A 296 -5.49 -31.80 -4.26
C THR A 296 -5.33 -31.49 -2.76
N LEU A 297 -4.95 -30.25 -2.40
CA LEU A 297 -4.80 -29.88 -0.99
C LEU A 297 -6.12 -29.99 -0.24
N THR A 298 -7.24 -29.59 -0.86
CA THR A 298 -8.57 -29.67 -0.26
C THR A 298 -9.01 -31.13 -0.05
N GLN A 299 -8.65 -32.04 -0.98
CA GLN A 299 -8.97 -33.47 -0.91
C GLN A 299 -8.28 -34.10 0.31
N ILE A 300 -6.96 -33.82 0.47
CA ILE A 300 -6.17 -34.32 1.59
C ILE A 300 -6.58 -33.64 2.89
N LEU A 301 -6.65 -32.29 2.88
CA LEU A 301 -6.98 -31.52 4.06
C LEU A 301 -8.24 -30.72 3.79
N PRO A 302 -9.46 -31.31 4.06
CA PRO A 302 -10.72 -30.56 3.80
C PRO A 302 -10.81 -29.15 4.40
N PRO A 303 -10.29 -28.83 5.63
CA PRO A 303 -10.39 -27.45 6.13
C PRO A 303 -9.72 -26.36 5.27
N THR A 304 -8.84 -26.76 4.33
CA THR A 304 -8.10 -25.87 3.42
C THR A 304 -8.97 -25.35 2.25
N GLU A 305 -10.19 -25.90 2.07
CA GLU A 305 -11.18 -25.53 1.05
C GLU A 305 -11.27 -23.99 0.70
N PRO A 306 -11.28 -23.01 1.67
CA PRO A 306 -11.41 -21.59 1.24
C PRO A 306 -10.31 -21.10 0.29
N LEU A 307 -9.12 -21.77 0.29
CA LEU A 307 -8.01 -21.46 -0.60
C LEU A 307 -8.43 -21.75 -2.05
N LEU A 308 -9.02 -22.92 -2.28
CA LEU A 308 -9.53 -23.31 -3.59
C LEU A 308 -10.67 -22.41 -4.02
N LYS A 309 -11.59 -22.08 -3.09
CA LYS A 309 -12.73 -21.21 -3.40
C LYS A 309 -12.27 -19.82 -3.94
N ALA A 310 -11.33 -19.17 -3.25
CA ALA A 310 -10.78 -17.88 -3.65
C ALA A 310 -10.00 -18.00 -4.98
N CYS A 311 -9.21 -19.09 -5.15
CA CYS A 311 -8.47 -19.33 -6.38
C CYS A 311 -9.40 -19.36 -7.60
N ARG A 312 -10.52 -20.11 -7.50
CA ARG A 312 -11.57 -20.21 -8.52
C ARG A 312 -12.16 -18.84 -8.83
N ASP A 313 -12.33 -17.98 -7.79
CA ASP A 313 -12.85 -16.61 -7.95
C ASP A 313 -11.90 -15.74 -8.75
N ASN A 314 -10.59 -15.82 -8.47
CA ASN A 314 -9.59 -15.05 -9.19
C ASN A 314 -9.42 -15.53 -10.62
N LEU A 315 -9.60 -16.85 -10.87
CA LEU A 315 -9.53 -17.43 -12.21
C LEU A 315 -10.63 -16.78 -13.05
N SER A 316 -11.86 -16.73 -12.51
CA SER A 316 -13.06 -16.11 -13.11
C SER A 316 -12.78 -14.65 -13.50
N GLN A 317 -11.99 -13.94 -12.68
CA GLN A 317 -11.59 -12.55 -12.89
C GLN A 317 -10.64 -12.40 -14.06
N TRP A 318 -9.74 -13.37 -14.25
CA TRP A 318 -8.80 -13.35 -15.38
C TRP A 318 -9.56 -13.65 -16.68
N GLU A 319 -10.59 -14.52 -16.63
CA GLU A 319 -11.46 -14.85 -17.76
C GLU A 319 -12.14 -13.56 -18.24
N LYS A 320 -12.66 -12.78 -17.26
CA LYS A 320 -13.32 -11.48 -17.47
C LYS A 320 -12.41 -10.41 -18.06
N VAL A 321 -11.09 -10.54 -17.89
CA VAL A 321 -10.09 -9.63 -18.44
C VAL A 321 -9.88 -10.04 -19.91
N ILE A 322 -9.80 -11.36 -20.17
CA ILE A 322 -9.62 -11.91 -21.51
C ILE A 322 -10.82 -11.57 -22.40
N ARG A 323 -12.06 -11.75 -21.88
CA ARG A 323 -13.31 -11.51 -22.63
C ARG A 323 -13.77 -10.00 -22.62
N GLY A 324 -12.88 -9.09 -22.21
CA GLY A 324 -13.11 -7.66 -22.22
C GLY A 324 -14.01 -7.04 -21.17
N GLU A 325 -14.59 -7.88 -20.26
CA GLU A 325 -15.50 -7.46 -19.17
C GLU A 325 -14.78 -6.75 -18.00
N HIS B 3 -9.66 37.23 -15.59
CA HIS B 3 -10.49 37.81 -14.54
C HIS B 3 -10.81 36.82 -13.40
N MET B 4 -10.99 37.37 -12.17
CA MET B 4 -11.36 36.67 -10.93
C MET B 4 -12.61 37.22 -10.31
N SER B 5 -13.44 36.33 -9.79
CA SER B 5 -14.67 36.66 -9.08
C SER B 5 -14.35 37.13 -7.66
N ILE B 6 -14.90 38.29 -7.27
CA ILE B 6 -14.71 38.89 -5.95
C ILE B 6 -15.94 38.66 -5.07
N CYS B 7 -15.80 38.84 -3.75
CA CYS B 7 -16.88 38.70 -2.77
C CYS B 7 -17.54 40.07 -2.46
N THR B 8 -18.74 40.03 -1.83
CA THR B 8 -19.52 41.21 -1.41
C THR B 8 -19.03 41.68 -0.05
N SER B 9 -19.25 42.98 0.27
CA SER B 9 -18.89 43.61 1.55
C SER B 9 -19.52 42.83 2.70
N GLU B 10 -20.83 42.54 2.56
CA GLU B 10 -21.69 41.82 3.50
C GLU B 10 -21.17 40.42 3.85
N GLU B 11 -20.55 39.74 2.86
CA GLU B 11 -19.98 38.39 2.98
C GLU B 11 -18.78 38.36 3.94
N TRP B 12 -17.72 39.12 3.62
CA TRP B 12 -16.49 39.14 4.41
C TRP B 12 -16.64 39.80 5.80
N GLN B 13 -17.66 40.68 5.98
CA GLN B 13 -17.93 41.36 7.25
C GLN B 13 -18.56 40.43 8.30
N GLY B 14 -19.42 39.51 7.84
CA GLY B 14 -20.06 38.49 8.69
C GLY B 14 -19.06 37.47 9.21
N LEU B 15 -18.02 37.19 8.39
CA LEU B 15 -16.91 36.28 8.67
C LEU B 15 -16.06 36.82 9.83
N MET B 16 -15.84 38.16 9.86
CA MET B 16 -15.09 38.87 10.90
C MET B 16 -15.75 38.72 12.26
N GLN B 17 -17.10 38.73 12.28
CA GLN B 17 -17.95 38.60 13.48
C GLN B 17 -17.90 37.19 14.07
N PHE B 18 -17.74 36.14 13.21
CA PHE B 18 -17.77 34.72 13.58
C PHE B 18 -16.78 34.28 14.68
N THR B 19 -17.35 33.53 15.64
CA THR B 19 -16.70 32.87 16.75
C THR B 19 -17.14 31.40 16.68
N LEU B 20 -16.17 30.46 16.73
CA LEU B 20 -16.40 29.02 16.68
C LEU B 20 -16.95 28.51 18.01
N PRO B 21 -17.95 27.58 18.03
CA PRO B 21 -18.44 27.05 19.33
C PRO B 21 -17.36 26.22 20.07
N VAL B 22 -17.28 26.40 21.40
CA VAL B 22 -16.32 25.73 22.29
C VAL B 22 -16.35 24.21 22.19
N ARG B 23 -17.55 23.66 21.88
CA ARG B 23 -17.82 22.23 21.66
C ARG B 23 -17.06 21.67 20.44
N LEU B 24 -16.42 22.52 19.61
CA LEU B 24 -15.66 22.07 18.42
C LEU B 24 -14.15 22.30 18.51
N CYS B 25 -13.73 23.18 19.44
CA CYS B 25 -12.33 23.57 19.70
C CYS B 25 -11.38 22.38 19.91
N LYS B 26 -11.78 21.38 20.71
CA LYS B 26 -10.95 20.21 20.93
C LYS B 26 -11.04 19.24 19.76
N GLU B 27 -12.27 19.03 19.22
CA GLU B 27 -12.54 18.15 18.07
C GLU B 27 -11.76 18.53 16.80
N ILE B 28 -11.65 19.84 16.49
CA ILE B 28 -10.91 20.38 15.31
C ILE B 28 -9.42 20.02 15.32
N GLU B 29 -8.85 19.70 16.49
CA GLU B 29 -7.43 19.38 16.62
C GLU B 29 -7.17 17.95 16.16
N LEU B 30 -8.24 17.12 16.18
CA LEU B 30 -8.16 15.72 15.79
C LEU B 30 -8.10 15.56 14.27
N PHE B 31 -7.29 14.59 13.81
CA PHE B 31 -7.10 14.23 12.41
C PHE B 31 -8.41 13.76 11.76
N HIS B 32 -9.17 12.90 12.45
CA HIS B 32 -10.44 12.34 11.94
C HIS B 32 -11.65 13.33 11.92
N PHE B 33 -11.49 14.57 12.39
CA PHE B 33 -12.55 15.57 12.41
C PHE B 33 -13.24 15.78 11.04
N ASP B 34 -14.58 15.67 11.03
CA ASP B 34 -15.39 15.90 9.83
C ASP B 34 -16.09 17.25 9.91
N ILE B 35 -15.76 18.12 8.95
CA ILE B 35 -16.32 19.46 8.81
C ILE B 35 -17.76 19.38 8.27
N GLY B 36 -18.09 18.24 7.64
CA GLY B 36 -19.37 17.94 7.00
C GLY B 36 -20.63 18.61 7.55
N PRO B 37 -20.96 18.41 8.85
CA PRO B 37 -22.21 18.99 9.39
C PRO B 37 -22.22 20.50 9.73
N PHE B 38 -21.12 21.23 9.49
CA PHE B 38 -21.05 22.65 9.82
C PHE B 38 -20.76 23.52 8.60
N GLU B 39 -21.57 23.37 7.50
CA GLU B 39 -21.38 24.15 6.25
C GLU B 39 -21.27 25.67 6.45
N ASN B 40 -22.22 26.29 7.18
CA ASN B 40 -22.22 27.73 7.42
C ASN B 40 -20.94 28.25 8.09
N MET B 41 -20.35 27.41 8.96
CA MET B 41 -19.14 27.69 9.72
C MET B 41 -17.83 27.48 8.97
N TRP B 42 -17.82 26.82 7.78
CA TRP B 42 -16.57 26.51 7.04
C TRP B 42 -15.62 27.69 6.86
N PRO B 43 -16.05 28.89 6.38
CA PRO B 43 -15.09 30.01 6.29
C PRO B 43 -14.52 30.37 7.67
N GLY B 44 -15.36 30.27 8.69
CA GLY B 44 -14.99 30.57 10.07
C GLY B 44 -14.06 29.54 10.70
N ILE B 45 -14.16 28.28 10.25
CA ILE B 45 -13.32 27.17 10.70
C ILE B 45 -11.89 27.46 10.17
N PHE B 46 -11.78 27.94 8.92
CA PHE B 46 -10.50 28.25 8.31
C PHE B 46 -9.78 29.36 9.06
N VAL B 47 -10.49 30.47 9.37
CA VAL B 47 -9.95 31.62 10.12
C VAL B 47 -9.40 31.11 11.46
N TYR B 48 -10.21 30.32 12.19
CA TYR B 48 -9.82 29.73 13.46
C TYR B 48 -8.47 29.05 13.34
N MET B 49 -8.33 28.19 12.29
CA MET B 49 -7.13 27.41 12.02
C MET B 49 -5.93 28.28 11.74
N VAL B 50 -6.11 29.31 10.90
CA VAL B 50 -5.08 30.29 10.57
C VAL B 50 -4.60 30.92 11.88
N HIS B 51 -5.55 31.39 12.73
CA HIS B 51 -5.25 32.04 14.00
C HIS B 51 -4.58 31.13 15.03
N ARG B 52 -5.02 29.88 15.17
CA ARG B 52 -4.41 28.95 16.10
C ARG B 52 -3.02 28.48 15.68
N SER B 53 -2.74 28.45 14.36
CA SER B 53 -1.48 27.99 13.82
C SER B 53 -0.45 29.10 13.66
N CYS B 54 -0.91 30.30 13.23
CA CYS B 54 -0.04 31.45 12.93
C CYS B 54 -0.15 32.65 13.89
N GLY B 55 -1.26 32.75 14.63
CA GLY B 55 -1.50 33.86 15.55
C GLY B 55 -2.63 34.76 15.10
N THR B 56 -3.29 35.43 16.07
CA THR B 56 -4.42 36.36 15.87
C THR B 56 -4.08 37.58 15.02
N SER B 57 -2.80 37.99 15.01
CA SER B 57 -2.37 39.15 14.24
C SER B 57 -1.00 38.96 13.55
N CYS B 58 -1.06 38.54 12.29
CA CYS B 58 0.06 38.36 11.34
C CYS B 58 -0.59 38.44 9.95
N PHE B 59 -1.94 38.34 9.94
CA PHE B 59 -2.79 38.54 8.79
C PHE B 59 -3.81 39.59 9.19
N GLU B 60 -3.97 40.64 8.34
CA GLU B 60 -4.93 41.72 8.57
C GLU B 60 -6.32 41.14 8.38
N LEU B 61 -7.07 40.99 9.50
CA LEU B 61 -8.40 40.37 9.58
C LEU B 61 -9.32 40.70 8.39
N GLU B 62 -9.46 42.01 8.02
CA GLU B 62 -10.28 42.45 6.88
C GLU B 62 -9.86 41.77 5.58
N LYS B 63 -8.54 41.83 5.24
CA LYS B 63 -7.92 41.26 4.02
C LYS B 63 -8.07 39.74 3.92
N LEU B 64 -7.90 39.03 5.06
CA LEU B 64 -8.02 37.57 5.17
C LEU B 64 -9.45 37.15 4.89
N CYS B 65 -10.43 37.86 5.47
CA CYS B 65 -11.85 37.57 5.30
C CYS B 65 -12.34 37.81 3.89
N ARG B 66 -11.73 38.78 3.17
CA ARG B 66 -12.08 39.06 1.78
C ARG B 66 -11.54 37.91 0.94
N PHE B 67 -10.30 37.50 1.23
CA PHE B 67 -9.61 36.40 0.54
C PHE B 67 -10.42 35.09 0.58
N ILE B 68 -10.69 34.59 1.80
CA ILE B 68 -11.47 33.38 2.06
C ILE B 68 -12.79 33.41 1.29
N MET B 69 -13.54 34.51 1.42
CA MET B 69 -14.82 34.71 0.78
C MET B 69 -14.75 34.78 -0.73
N SER B 70 -13.63 35.27 -1.29
CA SER B 70 -13.43 35.28 -2.73
C SER B 70 -13.02 33.90 -3.22
N VAL B 71 -12.27 33.15 -2.38
CA VAL B 71 -11.83 31.79 -2.66
C VAL B 71 -13.07 30.91 -2.71
N LYS B 72 -13.99 31.06 -1.73
CA LYS B 72 -15.27 30.34 -1.69
C LYS B 72 -16.04 30.52 -3.01
N LYS B 73 -16.14 31.79 -3.49
CA LYS B 73 -16.81 32.20 -4.73
C LYS B 73 -16.23 31.53 -5.96
N ASN B 74 -14.92 31.30 -5.99
CA ASN B 74 -14.31 30.71 -7.19
C ASN B 74 -14.24 29.17 -7.14
N TYR B 75 -14.98 28.53 -6.24
CA TYR B 75 -15.14 27.08 -6.20
C TYR B 75 -16.51 26.78 -6.79
N ARG B 76 -16.56 25.95 -7.83
CA ARG B 76 -17.79 25.59 -8.52
C ARG B 76 -18.61 24.56 -7.76
N ARG B 77 -19.91 24.42 -8.11
CA ARG B 77 -20.82 23.49 -7.46
C ARG B 77 -20.78 22.12 -8.16
N VAL B 78 -19.59 21.50 -8.14
CA VAL B 78 -19.33 20.17 -8.67
C VAL B 78 -19.57 19.17 -7.50
N PRO B 79 -19.78 17.86 -7.71
CA PRO B 79 -20.09 16.97 -6.56
C PRO B 79 -18.96 16.77 -5.53
N TYR B 80 -17.69 16.80 -5.97
CA TYR B 80 -16.60 16.56 -5.04
C TYR B 80 -15.57 17.69 -4.90
N HIS B 81 -15.01 18.17 -6.03
CA HIS B 81 -13.96 19.20 -6.07
C HIS B 81 -14.50 20.62 -5.83
N ASN B 82 -15.18 20.75 -4.71
CA ASN B 82 -15.88 21.94 -4.30
C ASN B 82 -15.26 22.58 -3.06
N TRP B 83 -15.92 23.63 -2.55
CA TRP B 83 -15.51 24.39 -1.39
C TRP B 83 -15.29 23.48 -0.17
N LYS B 84 -16.19 22.47 0.03
CA LYS B 84 -16.14 21.48 1.11
C LYS B 84 -14.81 20.72 1.10
N HIS B 85 -14.33 20.37 -0.10
CA HIS B 85 -13.07 19.65 -0.30
C HIS B 85 -11.92 20.56 0.09
N ALA B 86 -11.95 21.83 -0.35
CA ALA B 86 -10.92 22.83 -0.03
C ALA B 86 -10.66 22.93 1.50
N VAL B 87 -11.73 22.98 2.29
CA VAL B 87 -11.71 23.13 3.76
C VAL B 87 -11.29 21.81 4.46
N THR B 88 -11.71 20.65 3.91
CA THR B 88 -11.33 19.32 4.42
C THR B 88 -9.78 19.18 4.30
N VAL B 89 -9.24 19.49 3.12
CA VAL B 89 -7.81 19.45 2.80
C VAL B 89 -7.03 20.43 3.72
N ALA B 90 -7.52 21.68 3.87
CA ALA B 90 -6.90 22.69 4.75
C ALA B 90 -6.94 22.25 6.21
N HIS B 91 -8.04 21.60 6.67
CA HIS B 91 -8.15 21.09 8.04
C HIS B 91 -7.12 20.02 8.30
N CYS B 92 -6.95 19.05 7.35
CA CYS B 92 -5.93 18.02 7.49
C CYS B 92 -4.51 18.60 7.60
N MET B 93 -4.23 19.65 6.82
CA MET B 93 -2.94 20.33 6.86
C MET B 93 -2.78 20.99 8.24
N TYR B 94 -3.85 21.59 8.77
CA TYR B 94 -3.84 22.23 10.09
C TYR B 94 -3.44 21.17 11.13
N ALA B 95 -4.11 20.00 11.11
CA ALA B 95 -3.79 18.91 12.03
C ALA B 95 -2.33 18.41 11.84
N ILE B 96 -1.82 18.42 10.61
CA ILE B 96 -0.42 18.02 10.36
C ILE B 96 0.53 19.05 10.99
N LEU B 97 0.34 20.33 10.65
CA LEU B 97 1.17 21.43 11.16
C LEU B 97 1.18 21.49 12.70
N GLN B 98 0.00 21.38 13.35
CA GLN B 98 -0.16 21.38 14.82
C GLN B 98 0.63 20.29 15.54
N ASN B 99 0.64 19.05 15.00
CA ASN B 99 1.36 17.92 15.56
C ASN B 99 2.87 17.88 15.21
N ASN B 100 3.36 18.87 14.44
CA ASN B 100 4.79 18.95 14.03
C ASN B 100 5.16 20.42 14.01
N HIS B 101 4.68 21.11 15.08
CA HIS B 101 4.74 22.55 15.30
C HIS B 101 6.14 23.14 15.18
N THR B 102 7.18 22.37 15.52
CA THR B 102 8.55 22.83 15.42
C THR B 102 9.26 22.59 14.04
N LEU B 103 8.71 21.72 13.18
CA LEU B 103 9.36 21.34 11.94
C LEU B 103 9.36 22.39 10.83
N PHE B 104 8.30 23.21 10.77
CA PHE B 104 8.06 24.19 9.72
C PHE B 104 8.22 25.61 10.16
N THR B 105 8.60 26.47 9.21
CA THR B 105 8.77 27.90 9.42
C THR B 105 7.41 28.58 9.45
N ASP B 106 7.43 29.82 9.95
CA ASP B 106 6.31 30.74 10.09
C ASP B 106 5.69 30.93 8.71
N LEU B 107 6.56 31.10 7.69
CA LEU B 107 6.22 31.33 6.27
C LEU B 107 5.66 30.10 5.58
N GLU B 108 6.12 28.89 5.97
CA GLU B 108 5.66 27.62 5.44
C GLU B 108 4.24 27.36 5.94
N ARG B 109 4.03 27.46 7.27
CA ARG B 109 2.71 27.29 7.88
C ARG B 109 1.65 28.20 7.22
N LYS B 110 2.00 29.48 6.94
CA LYS B 110 1.13 30.45 6.28
C LYS B 110 0.74 29.98 4.88
N GLY B 111 1.75 29.83 4.01
CA GLY B 111 1.61 29.39 2.63
C GLY B 111 0.90 28.07 2.43
N LEU B 112 1.21 27.05 3.27
CA LEU B 112 0.62 25.71 3.17
C LEU B 112 -0.90 25.67 3.45
N LEU B 113 -1.39 26.42 4.47
CA LEU B 113 -2.82 26.51 4.77
C LEU B 113 -3.56 27.18 3.59
N ILE B 114 -2.99 28.25 3.02
CA ILE B 114 -3.56 28.98 1.90
C ILE B 114 -3.52 28.12 0.61
N ALA B 115 -2.39 27.42 0.37
CA ALA B 115 -2.23 26.50 -0.79
C ALA B 115 -3.25 25.39 -0.69
N CYS B 116 -3.50 24.88 0.49
CA CYS B 116 -4.52 23.86 0.71
C CYS B 116 -5.94 24.35 0.39
N LEU B 117 -6.28 25.59 0.77
CA LEU B 117 -7.62 26.13 0.51
C LEU B 117 -7.82 26.48 -0.98
N CYS B 118 -6.72 26.74 -1.71
CA CYS B 118 -6.72 27.12 -3.10
C CYS B 118 -6.34 26.02 -4.06
N HIS B 119 -5.87 24.86 -3.58
CA HIS B 119 -5.31 23.80 -4.42
C HIS B 119 -6.22 23.31 -5.56
N ASP B 120 -7.57 23.34 -5.42
CA ASP B 120 -8.49 22.86 -6.45
C ASP B 120 -9.38 23.98 -7.04
N LEU B 121 -8.92 25.23 -6.92
CA LEU B 121 -9.60 26.46 -7.32
C LEU B 121 -10.12 26.47 -8.76
N ASP B 122 -11.43 26.65 -8.93
CA ASP B 122 -12.13 26.70 -10.22
C ASP B 122 -12.13 25.33 -10.93
N HIS B 123 -12.32 24.25 -10.16
CA HIS B 123 -12.38 22.89 -10.71
C HIS B 123 -13.70 22.70 -11.44
N ARG B 124 -13.61 22.11 -12.65
CA ARG B 124 -14.75 21.84 -13.55
C ARG B 124 -15.40 20.45 -13.36
N GLY B 125 -14.77 19.60 -12.58
CA GLY B 125 -15.22 18.23 -12.34
C GLY B 125 -14.73 17.27 -13.40
N PHE B 126 -13.68 17.68 -14.11
CA PHE B 126 -13.08 16.91 -15.17
C PHE B 126 -11.61 16.76 -14.91
N SER B 127 -11.12 15.53 -15.10
CA SER B 127 -9.71 15.15 -14.93
C SER B 127 -8.82 15.81 -15.99
N ASN B 128 -7.48 15.75 -15.76
CA ASN B 128 -6.49 16.24 -16.71
C ASN B 128 -6.53 15.43 -18.01
N SER B 129 -6.87 14.12 -17.93
CA SER B 129 -6.99 13.24 -19.10
C SER B 129 -8.11 13.76 -20.03
N TYR B 130 -9.29 14.12 -19.45
CA TYR B 130 -10.45 14.62 -20.20
C TYR B 130 -10.15 15.92 -20.94
N LEU B 131 -9.54 16.90 -20.25
CA LEU B 131 -9.21 18.19 -20.83
C LEU B 131 -8.24 18.08 -21.98
N GLN B 132 -7.25 17.16 -21.86
CA GLN B 132 -6.22 16.91 -22.87
C GLN B 132 -6.80 16.16 -24.10
N LYS B 133 -7.66 15.12 -23.88
CA LYS B 133 -8.31 14.31 -24.93
C LYS B 133 -9.26 15.11 -25.82
N PHE B 134 -10.08 16.00 -25.20
CA PHE B 134 -11.12 16.77 -25.90
C PHE B 134 -10.70 18.23 -26.17
N ASP B 135 -9.36 18.46 -26.24
CA ASP B 135 -8.68 19.73 -26.51
C ASP B 135 -9.43 20.96 -25.96
N HIS B 136 -9.47 21.07 -24.63
CA HIS B 136 -10.09 22.16 -23.90
C HIS B 136 -9.11 23.33 -23.90
N PRO B 137 -9.58 24.61 -24.00
CA PRO B 137 -8.64 25.76 -24.00
C PRO B 137 -7.57 25.73 -22.89
N LEU B 138 -7.90 25.16 -21.71
CA LEU B 138 -7.00 25.01 -20.55
C LEU B 138 -5.83 24.06 -20.80
N ALA B 139 -6.02 23.05 -21.69
CA ALA B 139 -4.98 22.09 -22.09
C ALA B 139 -4.01 22.72 -23.10
N ALA B 140 -4.51 23.73 -23.87
CA ALA B 140 -3.73 24.50 -24.84
C ALA B 140 -2.85 25.49 -24.09
N LEU B 141 -3.33 25.98 -22.93
CA LEU B 141 -2.64 26.91 -22.04
C LEU B 141 -1.53 26.20 -21.25
N TYR B 142 -1.89 25.09 -20.57
CA TYR B 142 -0.98 24.30 -19.75
C TYR B 142 -0.93 22.88 -20.28
N SER B 143 0.21 22.51 -20.89
CA SER B 143 0.44 21.19 -21.50
C SER B 143 0.42 20.05 -20.47
N THR B 144 1.10 20.25 -19.33
CA THR B 144 1.26 19.31 -18.21
C THR B 144 0.59 19.86 -16.98
N SER B 145 0.12 18.95 -16.05
CA SER B 145 -0.52 19.29 -14.77
C SER B 145 -1.50 20.46 -15.00
N THR B 146 -2.36 20.29 -16.04
CA THR B 146 -3.34 21.23 -16.60
C THR B 146 -4.14 21.97 -15.50
N MET B 147 -4.93 21.24 -14.71
CA MET B 147 -5.76 21.83 -13.67
C MET B 147 -4.95 22.50 -12.58
N GLU B 148 -3.85 21.85 -12.14
CA GLU B 148 -2.96 22.32 -11.07
C GLU B 148 -2.29 23.66 -11.40
N GLN B 149 -1.90 23.86 -12.66
CA GLN B 149 -1.31 25.13 -13.09
C GLN B 149 -2.39 26.22 -13.12
N HIS B 150 -3.61 25.84 -13.50
CA HIS B 150 -4.76 26.73 -13.51
C HIS B 150 -5.17 27.14 -12.09
N HIS B 151 -5.15 26.19 -11.12
CA HIS B 151 -5.50 26.46 -9.73
C HIS B 151 -4.54 27.48 -9.12
N PHE B 152 -3.24 27.40 -9.46
CA PHE B 152 -2.25 28.35 -8.96
C PHE B 152 -2.47 29.72 -9.59
N SER B 153 -2.81 29.73 -10.91
CA SER B 153 -3.10 30.95 -11.66
C SER B 153 -4.26 31.69 -10.97
N GLN B 154 -5.36 30.97 -10.63
CA GLN B 154 -6.51 31.54 -9.94
C GLN B 154 -6.10 32.10 -8.56
N THR B 155 -5.20 31.39 -7.83
CA THR B 155 -4.71 31.80 -6.51
C THR B 155 -4.04 33.16 -6.58
N VAL B 156 -3.09 33.31 -7.53
CA VAL B 156 -2.33 34.54 -7.78
C VAL B 156 -3.31 35.68 -8.18
N SER B 157 -4.26 35.36 -9.06
CA SER B 157 -5.23 36.32 -9.51
C SER B 157 -6.16 36.79 -8.37
N ILE B 158 -6.48 35.91 -7.38
CA ILE B 158 -7.29 36.29 -6.20
C ILE B 158 -6.45 37.20 -5.30
N LEU B 159 -5.14 36.91 -5.19
CA LEU B 159 -4.20 37.72 -4.42
C LEU B 159 -4.01 39.10 -5.03
N GLN B 160 -3.90 39.17 -6.38
CA GLN B 160 -3.74 40.40 -7.14
C GLN B 160 -5.02 41.28 -7.21
N LEU B 161 -6.02 41.03 -6.33
CA LEU B 161 -7.26 41.81 -6.22
C LEU B 161 -7.14 42.84 -5.10
N GLU B 162 -7.91 43.94 -5.21
CA GLU B 162 -7.85 45.02 -4.23
C GLU B 162 -8.40 44.64 -2.86
N GLY B 163 -7.55 44.79 -1.86
CA GLY B 163 -7.88 44.48 -0.46
C GLY B 163 -7.99 42.99 -0.22
N HIS B 164 -7.23 42.20 -1.01
CA HIS B 164 -7.21 40.75 -0.96
C HIS B 164 -5.82 40.21 -0.64
N ASN B 165 -4.74 40.84 -1.20
CA ASN B 165 -3.35 40.42 -0.97
C ASN B 165 -3.01 40.40 0.52
N ILE B 166 -3.18 39.23 1.13
CA ILE B 166 -2.93 38.94 2.54
C ILE B 166 -1.42 38.89 2.84
N PHE B 167 -0.59 38.98 1.78
CA PHE B 167 0.86 38.89 1.88
C PHE B 167 1.62 40.22 1.68
N SER B 168 0.89 41.34 1.49
CA SER B 168 1.45 42.69 1.29
C SER B 168 2.51 43.08 2.36
N THR B 169 2.24 42.74 3.63
CA THR B 169 3.07 42.98 4.83
C THR B 169 4.46 42.25 4.77
N LEU B 170 4.73 41.42 3.75
CA LEU B 170 6.00 40.71 3.67
C LEU B 170 7.08 41.46 2.93
N SER B 171 8.34 41.02 3.14
CA SER B 171 9.52 41.51 2.44
C SER B 171 9.35 41.13 0.96
N SER B 172 10.23 41.62 0.05
CA SER B 172 10.14 41.27 -1.37
C SER B 172 10.56 39.80 -1.56
N SER B 173 11.58 39.37 -0.78
CA SER B 173 12.10 38.00 -0.78
C SER B 173 11.08 37.08 -0.10
N GLU B 174 10.55 37.49 1.08
CA GLU B 174 9.52 36.74 1.81
C GLU B 174 8.25 36.54 0.98
N TYR B 175 7.82 37.58 0.21
CA TYR B 175 6.63 37.48 -0.64
C TYR B 175 6.88 36.48 -1.79
N GLU B 176 8.09 36.56 -2.40
CA GLU B 176 8.53 35.69 -3.50
C GLU B 176 8.63 34.22 -3.00
N GLN B 177 9.14 34.02 -1.75
CA GLN B 177 9.31 32.72 -1.09
C GLN B 177 7.99 32.01 -0.92
N VAL B 178 7.02 32.65 -0.21
CA VAL B 178 5.70 32.11 0.11
C VAL B 178 4.94 31.78 -1.18
N LEU B 179 5.01 32.68 -2.18
CA LEU B 179 4.34 32.48 -3.46
C LEU B 179 4.89 31.30 -4.22
N GLU B 180 6.15 30.92 -3.95
CA GLU B 180 6.82 29.78 -4.55
C GLU B 180 6.53 28.48 -3.78
N ILE B 181 6.41 28.53 -2.45
CA ILE B 181 6.06 27.32 -1.71
C ILE B 181 4.58 26.94 -2.06
N ILE B 182 3.67 27.94 -2.24
CA ILE B 182 2.28 27.77 -2.70
C ILE B 182 2.27 27.14 -4.09
N ARG B 183 3.16 27.63 -4.99
CA ARG B 183 3.29 27.11 -6.36
C ARG B 183 3.54 25.63 -6.29
N LYS B 184 4.67 25.26 -5.67
CA LYS B 184 5.10 23.87 -5.51
C LYS B 184 4.05 22.99 -4.82
N ALA B 185 3.43 23.51 -3.75
CA ALA B 185 2.39 22.80 -3.01
C ALA B 185 1.19 22.42 -3.90
N ILE B 186 0.61 23.38 -4.64
CA ILE B 186 -0.51 23.16 -5.55
C ILE B 186 -0.14 22.18 -6.70
N ILE B 187 1.07 22.30 -7.28
CA ILE B 187 1.53 21.42 -8.36
C ILE B 187 1.69 19.96 -7.89
N ALA B 188 2.18 19.76 -6.65
CA ALA B 188 2.37 18.44 -6.04
C ALA B 188 1.05 17.66 -5.91
N THR B 189 -0.09 18.39 -5.84
CA THR B 189 -1.45 17.82 -5.72
C THR B 189 -1.89 17.08 -7.02
N ASP B 190 -1.10 17.15 -8.10
CA ASP B 190 -1.36 16.37 -9.31
C ASP B 190 -0.92 14.94 -8.93
N LEU B 191 -1.88 14.02 -8.73
CA LEU B 191 -1.63 12.64 -8.31
C LEU B 191 -0.60 11.89 -9.18
N ALA B 192 -0.46 12.24 -10.47
CA ALA B 192 0.54 11.59 -11.34
C ALA B 192 1.96 11.82 -10.84
N LEU B 193 2.21 12.99 -10.24
CA LEU B 193 3.52 13.36 -9.70
C LEU B 193 3.86 12.67 -8.38
N TYR B 194 2.82 12.23 -7.63
CA TYR B 194 2.96 11.62 -6.31
C TYR B 194 3.83 10.36 -6.30
N PHE B 195 3.59 9.42 -7.23
CA PHE B 195 4.27 8.11 -7.33
C PHE B 195 5.78 8.23 -7.31
N GLY B 196 6.31 9.12 -8.16
CA GLY B 196 7.73 9.39 -8.25
C GLY B 196 8.25 9.98 -6.96
N ASN B 197 7.62 11.07 -6.50
CA ASN B 197 7.97 11.75 -5.26
C ASN B 197 8.05 10.81 -4.05
N ARG B 198 7.04 9.94 -3.85
CA ARG B 198 7.02 9.02 -2.70
C ARG B 198 8.20 8.04 -2.75
N LYS B 199 8.51 7.55 -3.96
CA LYS B 199 9.61 6.64 -4.26
C LYS B 199 10.97 7.28 -3.87
N GLN B 200 11.22 8.54 -4.29
CA GLN B 200 12.44 9.31 -3.97
C GLN B 200 12.60 9.48 -2.45
N LEU B 201 11.49 9.80 -1.75
CA LEU B 201 11.43 9.99 -0.30
C LEU B 201 11.69 8.66 0.40
N GLU B 202 11.12 7.53 -0.13
CA GLU B 202 11.32 6.20 0.46
C GLU B 202 12.79 5.77 0.37
N GLU B 203 13.47 6.10 -0.73
CA GLU B 203 14.89 5.79 -0.89
C GLU B 203 15.68 6.61 0.13
N MET B 204 15.48 7.94 0.13
CA MET B 204 16.12 8.89 1.04
C MET B 204 16.00 8.49 2.52
N TYR B 205 14.82 7.98 2.92
CA TYR B 205 14.57 7.54 4.29
C TYR B 205 15.38 6.30 4.60
N GLN B 206 15.38 5.31 3.68
CA GLN B 206 16.09 4.04 3.81
C GLN B 206 17.60 4.22 3.95
N THR B 207 18.20 5.04 3.06
CA THR B 207 19.64 5.31 3.03
C THR B 207 20.09 6.24 4.18
N GLY B 208 19.12 6.90 4.83
CA GLY B 208 19.36 7.87 5.89
C GLY B 208 19.93 9.18 5.34
N SER B 209 19.63 9.48 4.05
CA SER B 209 20.11 10.69 3.34
C SER B 209 19.15 11.88 3.37
N LEU B 210 17.89 11.66 3.80
CA LEU B 210 16.87 12.72 3.93
C LEU B 210 17.32 13.76 5.00
N ASN B 211 17.62 14.98 4.50
CA ASN B 211 18.11 16.11 5.27
C ASN B 211 17.10 17.24 5.17
N LEU B 212 16.42 17.55 6.29
CA LEU B 212 15.39 18.61 6.31
C LEU B 212 15.94 20.04 6.10
N ASN B 213 17.28 20.21 6.13
CA ASN B 213 17.94 21.49 5.87
C ASN B 213 18.04 21.73 4.35
N ASN B 214 17.99 20.64 3.55
CA ASN B 214 18.05 20.66 2.09
C ASN B 214 16.65 21.06 1.56
N GLN B 215 16.57 22.21 0.87
CA GLN B 215 15.34 22.76 0.31
C GLN B 215 14.63 21.79 -0.61
N SER B 216 15.37 21.09 -1.50
CA SER B 216 14.79 20.09 -2.41
C SER B 216 14.13 18.93 -1.65
N HIS B 217 14.77 18.45 -0.56
CA HIS B 217 14.27 17.40 0.33
C HIS B 217 13.01 17.87 1.06
N ARG B 218 13.06 19.14 1.50
CA ARG B 218 12.00 19.86 2.18
C ARG B 218 10.77 19.94 1.27
N ASP B 219 10.97 20.43 0.03
CA ASP B 219 9.91 20.55 -0.98
C ASP B 219 9.27 19.19 -1.27
N ARG B 220 10.08 18.10 -1.29
CA ARG B 220 9.57 16.73 -1.48
C ARG B 220 8.65 16.31 -0.31
N VAL B 221 9.05 16.60 0.93
CA VAL B 221 8.27 16.29 2.15
C VAL B 221 6.91 17.03 2.10
N ILE B 222 6.95 18.35 1.80
CA ILE B 222 5.75 19.19 1.65
C ILE B 222 4.81 18.58 0.60
N GLY B 223 5.35 18.18 -0.55
CA GLY B 223 4.60 17.53 -1.61
C GLY B 223 3.79 16.34 -1.14
N LEU B 224 4.42 15.42 -0.35
CA LEU B 224 3.74 14.26 0.18
C LEU B 224 2.68 14.65 1.21
N MET B 225 2.91 15.77 1.93
CA MET B 225 1.93 16.29 2.88
C MET B 225 0.72 16.77 2.10
N MET B 226 0.96 17.41 0.94
CA MET B 226 -0.12 17.87 0.05
C MET B 226 -0.97 16.69 -0.40
N THR B 227 -0.33 15.57 -0.86
CA THR B 227 -1.04 14.36 -1.25
C THR B 227 -1.79 13.78 -0.08
N ALA B 228 -1.14 13.64 1.08
CA ALA B 228 -1.80 13.11 2.27
C ALA B 228 -3.05 13.93 2.66
N CYS B 229 -2.99 15.27 2.53
CA CYS B 229 -4.15 16.14 2.84
C CYS B 229 -5.22 16.00 1.79
N ASP B 230 -4.82 15.97 0.52
CA ASP B 230 -5.73 15.78 -0.61
C ASP B 230 -6.54 14.47 -0.54
N LEU B 231 -5.97 13.39 0.04
CA LEU B 231 -6.65 12.11 0.15
C LEU B 231 -7.36 11.86 1.48
N CYS B 232 -7.27 12.79 2.45
CA CYS B 232 -7.73 12.59 3.83
C CYS B 232 -9.17 12.13 3.98
N SER B 233 -10.00 12.20 2.94
CA SER B 233 -11.35 11.66 3.05
C SER B 233 -11.32 10.15 3.39
N VAL B 234 -10.21 9.45 3.02
CA VAL B 234 -9.99 8.01 3.31
C VAL B 234 -9.57 7.77 4.75
N THR B 235 -9.40 8.84 5.51
CA THR B 235 -8.88 8.91 6.88
C THR B 235 -10.00 9.24 7.91
N LYS B 236 -11.23 9.44 7.47
CA LYS B 236 -12.34 9.78 8.37
C LYS B 236 -13.04 8.54 8.86
N LEU B 237 -14.06 8.66 9.74
CA LEU B 237 -14.81 7.50 10.23
C LEU B 237 -15.55 6.87 9.07
N TRP B 238 -15.69 5.55 9.09
CA TRP B 238 -16.34 4.84 8.00
C TRP B 238 -17.61 5.52 7.40
N PRO B 239 -18.64 5.99 8.18
CA PRO B 239 -19.82 6.60 7.53
C PRO B 239 -19.53 7.86 6.71
N VAL B 240 -18.56 8.66 7.19
CA VAL B 240 -18.13 9.85 6.46
C VAL B 240 -17.39 9.43 5.17
N THR B 241 -16.41 8.50 5.29
CA THR B 241 -15.60 8.00 4.17
C THR B 241 -16.47 7.42 3.06
N LYS B 242 -17.48 6.61 3.45
CA LYS B 242 -18.44 5.99 2.54
C LYS B 242 -19.19 7.06 1.72
N LEU B 243 -19.72 8.09 2.41
CA LEU B 243 -20.44 9.19 1.76
C LEU B 243 -19.56 10.03 0.82
N THR B 244 -18.29 10.28 1.22
CA THR B 244 -17.36 11.05 0.39
C THR B 244 -17.09 10.31 -0.92
N ALA B 245 -16.95 8.97 -0.89
CA ALA B 245 -16.72 8.17 -2.11
C ALA B 245 -17.88 8.30 -3.09
N ASN B 246 -19.12 8.47 -2.58
CA ASN B 246 -20.31 8.65 -3.41
C ASN B 246 -20.19 9.93 -4.24
N ASP B 247 -19.64 11.02 -3.64
CA ASP B 247 -19.38 12.31 -4.30
C ASP B 247 -18.26 12.20 -5.33
N ILE B 248 -17.15 11.51 -4.98
CA ILE B 248 -16.01 11.29 -5.88
C ILE B 248 -16.50 10.55 -7.13
N TYR B 249 -17.23 9.42 -6.94
CA TYR B 249 -17.75 8.64 -8.06
C TYR B 249 -18.81 9.39 -8.88
N ALA B 250 -19.64 10.25 -8.25
CA ALA B 250 -20.64 11.10 -8.90
C ALA B 250 -19.96 11.97 -9.95
N GLU B 251 -18.77 12.46 -9.61
CA GLU B 251 -17.96 13.30 -10.50
C GLU B 251 -17.34 12.47 -11.64
N PHE B 252 -16.85 11.24 -11.32
CA PHE B 252 -16.24 10.32 -12.30
C PHE B 252 -17.30 9.92 -13.36
N TRP B 253 -18.51 9.57 -12.87
CA TRP B 253 -19.63 9.15 -13.69
C TRP B 253 -20.14 10.27 -14.57
N ALA B 254 -20.12 11.51 -14.07
CA ALA B 254 -20.52 12.70 -14.83
C ALA B 254 -19.55 12.97 -15.99
N GLU B 255 -18.25 12.70 -15.75
CA GLU B 255 -17.21 12.83 -16.77
C GLU B 255 -17.36 11.72 -17.84
N GLY B 256 -17.65 10.49 -17.39
CA GLY B 256 -17.89 9.34 -18.27
C GLY B 256 -19.12 9.54 -19.13
N ASP B 257 -20.18 10.18 -18.55
CA ASP B 257 -21.42 10.51 -19.24
C ASP B 257 -21.16 11.46 -20.40
N GLU B 258 -20.21 12.40 -20.24
CA GLU B 258 -19.80 13.36 -21.28
C GLU B 258 -19.08 12.66 -22.42
N MET B 259 -18.45 11.51 -22.11
CA MET B 259 -17.76 10.73 -23.12
C MET B 259 -18.74 9.87 -23.90
N LYS B 260 -19.74 9.30 -23.21
CA LYS B 260 -20.81 8.47 -23.79
C LYS B 260 -21.60 9.28 -24.83
N LYS B 261 -21.89 10.57 -24.50
CA LYS B 261 -22.55 11.56 -25.34
C LYS B 261 -21.79 11.83 -26.67
N LEU B 262 -20.47 11.56 -26.70
CA LEU B 262 -19.60 11.69 -27.85
C LEU B 262 -19.32 10.33 -28.53
N GLY B 263 -20.02 9.28 -28.07
CA GLY B 263 -19.87 7.91 -28.57
C GLY B 263 -18.72 7.11 -28.00
N ILE B 264 -17.86 7.76 -27.18
CA ILE B 264 -16.67 7.19 -26.53
C ILE B 264 -17.04 6.42 -25.25
N GLN B 265 -16.59 5.17 -25.13
CA GLN B 265 -16.86 4.39 -23.94
C GLN B 265 -15.87 4.76 -22.83
N PRO B 266 -16.36 5.17 -21.63
CA PRO B 266 -15.42 5.54 -20.56
C PRO B 266 -14.80 4.30 -19.94
N ILE B 267 -13.72 4.51 -19.17
CA ILE B 267 -13.07 3.45 -18.40
C ILE B 267 -14.07 3.00 -17.32
N PRO B 268 -14.03 1.72 -16.84
CA PRO B 268 -15.01 1.26 -15.82
C PRO B 268 -15.22 2.17 -14.61
N MET B 269 -14.15 2.87 -14.17
CA MET B 269 -14.14 3.80 -13.03
C MET B 269 -15.11 4.99 -13.26
N MET B 270 -15.24 5.39 -14.54
CA MET B 270 -16.09 6.50 -14.95
C MET B 270 -17.43 6.06 -15.57
N ASP B 271 -17.71 4.75 -15.54
CA ASP B 271 -18.96 4.19 -16.04
C ASP B 271 -19.93 3.93 -14.90
N ARG B 272 -21.04 4.66 -14.88
CA ARG B 272 -22.06 4.48 -13.87
C ARG B 272 -22.79 3.16 -13.97
N ASP B 273 -22.71 2.46 -15.13
CA ASP B 273 -23.32 1.15 -15.29
C ASP B 273 -22.55 0.09 -14.51
N LYS B 274 -21.26 0.32 -14.29
CA LYS B 274 -20.36 -0.57 -13.55
C LYS B 274 -20.22 -0.08 -12.06
N LYS B 275 -21.36 0.12 -11.36
CA LYS B 275 -21.40 0.61 -9.98
C LYS B 275 -20.94 -0.41 -8.95
N ASP B 276 -21.16 -1.69 -9.25
CA ASP B 276 -20.85 -2.83 -8.38
C ASP B 276 -19.34 -3.12 -8.19
N GLU B 277 -18.47 -2.58 -9.07
CA GLU B 277 -17.02 -2.79 -8.92
C GLU B 277 -16.35 -1.65 -8.12
N VAL B 278 -17.13 -0.70 -7.64
CA VAL B 278 -16.61 0.39 -6.80
C VAL B 278 -15.86 -0.15 -5.53
N PRO B 279 -16.45 -1.05 -4.71
CA PRO B 279 -15.71 -1.54 -3.52
C PRO B 279 -14.34 -2.11 -3.84
N GLN B 280 -14.23 -2.85 -4.96
CA GLN B 280 -13.00 -3.45 -5.47
C GLN B 280 -12.02 -2.34 -5.90
N GLY B 281 -12.53 -1.32 -6.57
CA GLY B 281 -11.79 -0.14 -7.01
C GLY B 281 -11.20 0.62 -5.85
N GLN B 282 -11.99 0.79 -4.76
CA GLN B 282 -11.51 1.45 -3.55
C GLN B 282 -10.41 0.65 -2.87
N LEU B 283 -10.56 -0.68 -2.81
CA LEU B 283 -9.53 -1.55 -2.21
C LEU B 283 -8.20 -1.41 -2.94
N GLY B 284 -8.24 -1.38 -4.28
CA GLY B 284 -7.07 -1.21 -5.13
C GLY B 284 -6.39 0.12 -4.94
N PHE B 285 -7.20 1.22 -4.79
CA PHE B 285 -6.70 2.59 -4.55
C PHE B 285 -6.02 2.68 -3.17
N TYR B 286 -6.62 2.08 -2.14
CA TYR B 286 -6.04 2.08 -0.79
C TYR B 286 -4.72 1.36 -0.78
N ASN B 287 -4.66 0.22 -1.46
CA ASN B 287 -3.48 -0.61 -1.54
C ASN B 287 -2.39 -0.01 -2.40
N ALA B 288 -2.73 0.54 -3.57
CA ALA B 288 -1.73 1.11 -4.49
C ALA B 288 -1.29 2.54 -4.16
N VAL B 289 -2.22 3.38 -3.61
CA VAL B 289 -1.95 4.79 -3.40
C VAL B 289 -2.01 5.24 -1.93
N ALA B 290 -3.19 5.13 -1.26
CA ALA B 290 -3.40 5.67 0.11
C ALA B 290 -2.49 5.06 1.19
N ILE B 291 -2.49 3.72 1.36
CA ILE B 291 -1.63 3.06 2.34
C ILE B 291 -0.15 3.46 2.13
N PRO B 292 0.45 3.31 0.92
CA PRO B 292 1.86 3.74 0.75
C PRO B 292 2.11 5.20 1.12
N CYS B 293 1.18 6.11 0.78
CA CYS B 293 1.31 7.53 1.09
C CYS B 293 1.40 7.80 2.60
N TYR B 294 0.41 7.27 3.37
CA TYR B 294 0.37 7.48 4.80
C TYR B 294 1.52 6.78 5.51
N THR B 295 1.99 5.64 4.97
CA THR B 295 3.13 4.86 5.48
C THR B 295 4.40 5.73 5.38
N THR B 296 4.69 6.27 4.19
CA THR B 296 5.84 7.15 4.00
C THR B 296 5.72 8.43 4.85
N LEU B 297 4.52 9.04 4.93
CA LEU B 297 4.33 10.23 5.74
C LEU B 297 4.59 9.97 7.24
N THR B 298 4.16 8.81 7.76
CA THR B 298 4.37 8.44 9.16
C THR B 298 5.87 8.20 9.46
N GLN B 299 6.64 7.65 8.49
CA GLN B 299 8.09 7.41 8.61
C GLN B 299 8.82 8.74 8.78
N ILE B 300 8.51 9.73 7.90
CA ILE B 300 9.11 11.05 7.94
C ILE B 300 8.62 11.83 9.15
N LEU B 301 7.30 11.87 9.35
CA LEU B 301 6.68 12.62 10.44
C LEU B 301 5.91 11.67 11.33
N PRO B 302 6.56 11.05 12.35
CA PRO B 302 5.84 10.11 13.25
C PRO B 302 4.52 10.63 13.85
N PRO B 303 4.34 11.93 14.27
CA PRO B 303 3.02 12.34 14.83
C PRO B 303 1.82 12.19 13.88
N THR B 304 2.07 12.00 12.58
CA THR B 304 1.04 11.85 11.54
C THR B 304 0.39 10.43 11.53
N GLU B 305 0.97 9.48 12.30
CA GLU B 305 0.51 8.11 12.46
C GLU B 305 -1.04 7.91 12.50
N PRO B 306 -1.89 8.72 13.22
CA PRO B 306 -3.35 8.42 13.22
C PRO B 306 -4.02 8.44 11.82
N LEU B 307 -3.39 9.12 10.83
CA LEU B 307 -3.86 9.16 9.44
C LEU B 307 -3.76 7.75 8.84
N LEU B 308 -2.59 7.10 9.01
CA LEU B 308 -2.36 5.73 8.56
C LEU B 308 -3.29 4.75 9.31
N LYS B 309 -3.45 4.92 10.62
CA LYS B 309 -4.32 4.05 11.43
C LYS B 309 -5.77 4.07 10.90
N ALA B 310 -6.35 5.28 10.67
CA ALA B 310 -7.69 5.47 10.15
C ALA B 310 -7.84 4.97 8.68
N CYS B 311 -6.79 5.11 7.89
CA CYS B 311 -6.77 4.61 6.52
C CYS B 311 -6.91 3.06 6.49
N ARG B 312 -6.10 2.38 7.32
CA ARG B 312 -6.13 0.93 7.52
C ARG B 312 -7.51 0.45 7.97
N ASP B 313 -8.18 1.21 8.83
CA ASP B 313 -9.54 0.90 9.33
C ASP B 313 -10.58 0.95 8.21
N ASN B 314 -10.49 1.97 7.35
CA ASN B 314 -11.40 2.11 6.24
C ASN B 314 -11.17 1.07 5.16
N LEU B 315 -9.90 0.63 4.99
CA LEU B 315 -9.53 -0.42 4.03
C LEU B 315 -10.26 -1.70 4.45
N SER B 316 -10.18 -2.04 5.74
CA SER B 316 -10.83 -3.19 6.38
C SER B 316 -12.34 -3.18 6.10
N GLN B 317 -12.95 -1.98 6.09
CA GLN B 317 -14.37 -1.76 5.85
C GLN B 317 -14.75 -2.06 4.42
N TRP B 318 -13.86 -1.73 3.46
CA TRP B 318 -14.09 -1.99 2.07
C TRP B 318 -14.00 -3.50 1.80
N GLU B 319 -13.08 -4.19 2.50
CA GLU B 319 -12.92 -5.65 2.41
C GLU B 319 -14.25 -6.32 2.81
N LYS B 320 -14.86 -5.88 3.94
CA LYS B 320 -16.15 -6.39 4.42
C LYS B 320 -17.28 -6.17 3.40
N VAL B 321 -17.24 -5.06 2.66
CA VAL B 321 -18.25 -4.76 1.65
C VAL B 321 -18.11 -5.78 0.51
N ILE B 322 -16.86 -6.05 0.10
CA ILE B 322 -16.54 -7.01 -0.96
C ILE B 322 -16.97 -8.43 -0.54
N ARG B 323 -16.63 -8.85 0.70
CA ARG B 323 -16.94 -10.19 1.23
C ARG B 323 -18.43 -10.43 1.56
N GLY B 324 -19.22 -9.36 1.58
CA GLY B 324 -20.64 -9.45 1.91
C GLY B 324 -20.94 -9.17 3.37
N GLU B 325 -19.89 -9.14 4.25
CA GLU B 325 -19.97 -8.82 5.69
C GLU B 325 -20.95 -9.72 6.49
ZN ZN C . 8.40 -18.21 -2.75
MG MG D . 11.43 -19.91 -4.36
N1 JY7 E . 2.23 -16.81 -11.85
N3 JY7 E . 2.87 -17.00 -8.30
C4 JY7 E . 5.36 -18.85 -11.86
C5 JY7 E . 4.30 -18.04 -11.37
C6 JY7 E . 3.35 -17.50 -12.28
C7 JY7 E . 4.13 -17.75 -9.99
C8 JY7 E . 2.92 -17.12 -9.67
C10 JY7 E . 1.84 -16.46 -7.42
C13 JY7 E . 8.45 -18.75 -8.48
C15 JY7 E . 6.08 -19.74 -7.59
C17 JY7 E . 2.58 -17.60 -15.87
C1 JY7 E . 5.43 -19.08 -13.19
C11 JY7 E . 6.08 -18.57 -8.37
C12 JY7 E . 7.31 -18.05 -8.83
C14 JY7 E . 7.29 -20.34 -7.32
C16 JY7 E . 7.42 -16.80 -9.66
C2 JY7 E . 4.57 -18.56 -14.12
C3 JY7 E . 3.52 -17.77 -13.67
C9 JY7 E . 4.78 -17.94 -8.73
F1 JY7 E . 6.40 -19.94 -13.64
N2 JY7 E . 2.01 -16.67 -10.53
N4 JY7 E . 4.01 -17.50 -7.73
N5 JY7 E . 8.47 -19.86 -7.75
O1 JY7 E . 2.57 -17.23 -14.49
ZN ZN F . -7.92 18.13 -4.19
MG MG G . -6.59 18.25 -7.81
N1 JY7 H . -10.47 7.32 -4.89
N3 JY7 H . -9.76 10.44 -3.24
C4 JY7 H . -8.54 9.05 -7.58
C5 JY7 H . -9.25 8.87 -6.36
C6 JY7 H . -9.90 7.63 -6.12
C7 JY7 H . -9.31 9.87 -5.34
C8 JY7 H . -9.86 9.41 -4.13
C10 JY7 H . -10.11 10.51 -1.82
C13 JY7 H . -8.25 13.68 -7.86
C15 JY7 H . -7.05 12.76 -5.60
C17 JY7 H . -10.34 4.35 -7.72
C1 JY7 H . -8.53 8.06 -8.49
C11 JY7 H . -8.31 12.25 -5.96
C12 JY7 H . -8.95 12.73 -7.13
C14 JY7 H . -6.47 13.71 -6.42
C16 JY7 H . -10.31 12.27 -7.58
C2 JY7 H . -9.18 6.85 -8.32
C3 JY7 H . -9.86 6.63 -7.14
C9 JY7 H . -8.94 11.23 -5.09
F1 JY7 H . -7.77 8.21 -9.61
N2 JY7 H . -10.40 8.22 -3.89
N4 JY7 H . -9.22 11.55 -3.83
N5 JY7 H . -7.05 14.17 -7.54
O1 JY7 H . -10.50 5.46 -6.82
#